data_6KXN
#
_entry.id   6KXN
#
_cell.length_a   69.406
_cell.length_b   81.230
_cell.length_c   130.264
_cell.angle_alpha   90.000
_cell.angle_beta   90.000
_cell.angle_gamma   90.000
#
_symmetry.space_group_name_H-M   'P 21 21 21'
#
loop_
_entity.id
_entity.type
_entity.pdbx_description
1 polymer 'Family 18 chitinase'
2 branched 2-acetamido-2-deoxy-beta-D-glucopyranose-(1-4)-2-acetamido-2-deoxy-beta-D-glucopyranose
3 non-polymer 'SULFATE ION'
4 non-polymer DI(HYDROXYETHYL)ETHER
5 non-polymer GLYCEROL
6 non-polymer 1,2-ETHANEDIOL
7 water water
#
_entity_poly.entity_id   1
_entity_poly.type   'polypeptide(L)'
_entity_poly.pdbx_seq_one_letter_code
;GGSGGSYRVVAYYISAGAYGRSYFPSDIDYSKVTHINYAFANIKDGEVVVGDPGVDDGGKNNFTALRKAKKAHPHLRNLI
SVGGWSWSSGFSDAAATPEARKRFADSAVAFIRKYGFDGVDIDWEYPVEGGAENMKHRPEDKQNYTLLTRSLREALDTAG
KADGKYYELTTAVWGNDKFIANTEMDKVSRDFDFINVMSYDFNGTWNKFSGHNAPFVNDPAYDKPGIGKTFNVVSAVEAY
LKAGVPADKLVVGVPLYGYSWKGCAAGERNGEYQDCNGKGRGTWEDGNLDFTDIEKNLLNKKGFKRYWNDTAKAAYLYNA
ETGEFVTYEDPQALKIKLDYIKSKGLGGAMYWEITADRKQTLVNLIADELLT
;
_entity_poly.pdbx_strand_id   A,B
#
# COMPACT_ATOMS: atom_id res chain seq x y z
N GLY A 5 9.52 26.60 29.18
CA GLY A 5 10.45 27.15 28.15
C GLY A 5 9.70 27.89 27.05
N SER A 6 10.40 28.23 25.97
CA SER A 6 9.88 29.05 24.84
C SER A 6 9.36 28.16 23.69
N TYR A 7 9.80 26.90 23.61
CA TYR A 7 9.64 26.07 22.39
C TYR A 7 8.51 25.03 22.53
N ARG A 8 7.72 24.92 21.48
CA ARG A 8 6.68 23.86 21.32
C ARG A 8 7.30 22.58 20.73
N VAL A 9 6.68 21.43 21.03
CA VAL A 9 6.95 20.15 20.32
C VAL A 9 5.61 19.50 19.97
N VAL A 10 5.19 19.66 18.71
CA VAL A 10 3.85 19.31 18.20
C VAL A 10 3.94 17.97 17.46
N ALA A 11 3.40 16.89 18.03
CA ALA A 11 3.42 15.54 17.47
C ALA A 11 2.06 15.25 16.83
N TYR A 12 2.03 14.95 15.53
CA TYR A 12 0.81 14.37 14.91
C TYR A 12 0.72 12.90 15.34
N TYR A 13 -0.47 12.49 15.79
CA TYR A 13 -0.83 11.07 15.99
C TYR A 13 -1.90 10.68 14.96
N ILE A 14 -1.68 9.62 14.18
CA ILE A 14 -2.60 9.15 13.10
C ILE A 14 -3.61 8.16 13.70
N SER A 15 -4.90 8.32 13.37
CA SER A 15 -5.99 7.41 13.83
C SER A 15 -5.65 5.96 13.45
N ALA A 16 -4.98 5.73 12.31
CA ALA A 16 -4.68 4.38 11.77
C ALA A 16 -3.68 3.67 12.70
N GLY A 17 -3.08 4.39 13.64
CA GLY A 17 -2.25 3.78 14.71
C GLY A 17 -2.94 2.58 15.36
N ALA A 18 -4.25 2.70 15.60
CA ALA A 18 -5.09 1.75 16.37
C ALA A 18 -5.48 0.51 15.52
N TYR A 19 -4.85 0.32 14.36
CA TYR A 19 -5.02 -0.87 13.50
C TYR A 19 -3.75 -1.72 13.53
N GLY A 20 -3.25 -2.15 12.37
CA GLY A 20 -2.06 -3.00 12.22
C GLY A 20 -0.86 -2.46 12.98
N ARG A 21 -0.64 -1.15 12.94
CA ARG A 21 0.48 -0.48 13.65
C ARG A 21 0.43 -0.82 15.14
N SER A 22 -0.76 -1.06 15.69
CA SER A 22 -0.94 -1.42 17.11
C SER A 22 -0.22 -0.39 18.00
N TYR A 23 -0.32 0.90 17.64
CA TYR A 23 0.25 2.05 18.41
C TYR A 23 -0.91 2.98 18.74
N PHE A 24 -1.24 3.03 20.03
CA PHE A 24 -2.46 3.67 20.60
C PHE A 24 -2.01 4.94 21.32
N PRO A 25 -2.92 5.88 21.64
CA PRO A 25 -2.53 7.08 22.39
C PRO A 25 -1.87 6.77 23.74
N SER A 26 -2.16 5.61 24.32
CA SER A 26 -1.54 5.15 25.60
C SER A 26 -0.05 4.84 25.44
N ASP A 27 0.42 4.60 24.21
CA ASP A 27 1.83 4.26 23.89
C ASP A 27 2.66 5.54 23.77
N ILE A 28 2.02 6.71 23.70
CA ILE A 28 2.73 8.02 23.59
C ILE A 28 3.41 8.31 24.92
N ASP A 29 4.67 8.76 24.87
CA ASP A 29 5.40 9.34 26.03
C ASP A 29 5.14 10.85 26.06
N TYR A 30 4.12 11.27 26.82
CA TYR A 30 3.59 12.66 26.81
C TYR A 30 4.61 13.65 27.38
N SER A 31 5.63 13.19 28.12
CA SER A 31 6.73 14.05 28.63
C SER A 31 7.58 14.61 27.46
N LYS A 32 7.48 14.03 26.26
CA LYS A 32 8.35 14.39 25.12
C LYS A 32 7.67 15.41 24.20
N VAL A 33 6.46 15.88 24.54
CA VAL A 33 5.70 16.80 23.64
C VAL A 33 5.09 17.95 24.46
N THR A 34 4.61 18.99 23.79
CA THR A 34 3.73 20.04 24.37
C THR A 34 2.31 19.84 23.83
N HIS A 35 2.19 19.34 22.60
CA HIS A 35 0.91 19.22 21.84
C HIS A 35 0.85 17.87 21.12
N ILE A 36 -0.30 17.19 21.20
CA ILE A 36 -0.70 16.17 20.19
C ILE A 36 -1.73 16.79 19.25
N ASN A 37 -1.52 16.59 17.96
CA ASN A 37 -2.50 16.90 16.87
C ASN A 37 -3.09 15.57 16.39
N TYR A 38 -4.42 15.39 16.47
CA TYR A 38 -5.10 14.11 16.12
C TYR A 38 -5.49 14.16 14.64
N ALA A 39 -4.80 13.34 13.83
CA ALA A 39 -5.01 13.25 12.37
C ALA A 39 -5.92 12.07 12.05
N PHE A 40 -7.17 12.27 11.61
CA PHE A 40 -7.81 13.55 11.32
C PHE A 40 -9.30 13.46 11.65
N ALA A 41 -9.99 14.60 11.67
CA ALA A 41 -11.45 14.68 11.55
C ALA A 41 -11.71 14.94 10.08
N ASN A 42 -12.86 14.46 9.57
CA ASN A 42 -13.31 14.68 8.18
C ASN A 42 -14.29 15.85 8.14
N ILE A 43 -14.67 16.26 6.94
CA ILE A 43 -15.75 17.27 6.72
C ILE A 43 -16.88 16.57 5.97
N LYS A 44 -18.08 16.57 6.55
CA LYS A 44 -19.34 16.09 5.92
C LYS A 44 -20.40 17.20 6.01
N ASP A 45 -21.04 17.52 4.88
CA ASP A 45 -22.09 18.56 4.73
C ASP A 45 -21.68 19.84 5.48
N GLY A 46 -20.44 20.30 5.27
CA GLY A 46 -19.92 21.58 5.78
C GLY A 46 -19.53 21.53 7.25
N GLU A 47 -19.51 20.36 7.86
CA GLU A 47 -19.31 20.23 9.33
C GLU A 47 -18.11 19.32 9.62
N VAL A 48 -17.29 19.70 10.60
CA VAL A 48 -16.29 18.79 11.24
C VAL A 48 -17.05 17.56 11.75
N VAL A 49 -16.61 16.35 11.35
CA VAL A 49 -17.23 15.07 11.76
C VAL A 49 -16.15 14.07 12.15
N VAL A 50 -16.50 13.07 12.96
CA VAL A 50 -15.57 11.96 13.34
C VAL A 50 -15.05 11.32 12.03
N GLY A 51 -13.73 11.23 11.86
CA GLY A 51 -13.11 10.59 10.68
C GLY A 51 -13.39 9.11 10.63
N ASP A 52 -13.16 8.39 11.73
CA ASP A 52 -13.25 6.91 11.81
C ASP A 52 -13.89 6.51 13.14
N PRO A 53 -15.21 6.24 13.15
CA PRO A 53 -15.91 5.77 14.36
C PRO A 53 -15.38 4.43 14.92
N GLY A 54 -14.59 3.70 14.14
CA GLY A 54 -14.03 2.39 14.54
C GLY A 54 -12.98 2.51 15.61
N VAL A 55 -12.25 3.64 15.65
CA VAL A 55 -11.11 3.86 16.59
C VAL A 55 -11.16 5.25 17.26
N ASP A 56 -11.85 6.25 16.70
CA ASP A 56 -11.86 7.64 17.26
C ASP A 56 -12.74 7.70 18.52
N ASP A 57 -14.07 7.80 18.34
CA ASP A 57 -15.07 8.01 19.43
C ASP A 57 -15.72 6.68 19.86
N GLY A 58 -15.30 5.57 19.25
CA GLY A 58 -15.84 4.22 19.50
C GLY A 58 -14.77 3.18 19.27
N GLY A 59 -15.13 1.90 19.38
CA GLY A 59 -14.24 0.75 19.11
C GLY A 59 -13.02 0.78 20.01
N LYS A 60 -11.85 1.12 19.46
CA LYS A 60 -10.57 1.21 20.22
C LYS A 60 -10.56 2.48 21.09
N ASN A 61 -11.43 3.46 20.80
CA ASN A 61 -11.69 4.65 21.67
C ASN A 61 -10.40 5.44 21.92
N ASN A 62 -9.70 5.83 20.85
CA ASN A 62 -8.50 6.71 20.92
C ASN A 62 -8.82 7.98 21.73
N PHE A 63 -10.01 8.58 21.54
CA PHE A 63 -10.39 9.86 22.21
C PHE A 63 -10.38 9.67 23.73
N THR A 64 -11.00 8.60 24.25
CA THR A 64 -11.01 8.27 25.69
C THR A 64 -9.56 8.23 26.22
N ALA A 65 -8.66 7.59 25.47
CA ALA A 65 -7.22 7.47 25.83
C ALA A 65 -6.57 8.86 25.87
N LEU A 66 -6.89 9.74 24.93
CA LEU A 66 -6.29 11.09 24.88
C LEU A 66 -6.78 11.94 26.06
N ARG A 67 -8.04 11.82 26.46
CA ARG A 67 -8.58 12.59 27.62
C ARG A 67 -7.92 12.07 28.90
N LYS A 68 -7.70 10.75 28.98
CA LYS A 68 -7.04 10.09 30.14
C LYS A 68 -5.61 10.64 30.26
N ALA A 69 -4.97 10.89 29.12
CA ALA A 69 -3.60 11.46 29.04
C ALA A 69 -3.58 12.89 29.58
N LYS A 70 -4.56 13.71 29.19
CA LYS A 70 -4.68 15.12 29.68
C LYS A 70 -4.75 15.13 31.20
N LYS A 71 -5.52 14.20 31.77
CA LYS A 71 -5.73 14.12 33.24
C LYS A 71 -4.41 13.72 33.91
N ALA A 72 -3.62 12.86 33.28
CA ALA A 72 -2.32 12.39 33.83
C ALA A 72 -1.20 13.42 33.55
N HIS A 73 -1.36 14.28 32.53
CA HIS A 73 -0.33 15.26 32.08
C HIS A 73 -0.96 16.65 31.94
N PRO A 74 -1.01 17.43 33.04
CA PRO A 74 -1.68 18.73 33.02
C PRO A 74 -1.12 19.71 31.98
N HIS A 75 0.18 19.63 31.68
CA HIS A 75 0.85 20.49 30.66
C HIS A 75 0.18 20.26 29.30
N LEU A 76 -0.25 19.03 29.04
CA LEU A 76 -0.55 18.55 27.66
C LEU A 76 -1.71 19.34 27.07
N ARG A 77 -1.58 19.69 25.80
CA ARG A 77 -2.70 20.23 24.97
C ARG A 77 -2.88 19.31 23.76
N ASN A 78 -4.10 18.81 23.56
CA ASN A 78 -4.51 17.93 22.42
C ASN A 78 -5.42 18.73 21.50
N LEU A 79 -5.07 18.80 20.21
CA LEU A 79 -5.88 19.46 19.15
C LEU A 79 -6.40 18.40 18.18
N ILE A 80 -7.61 18.62 17.63
CA ILE A 80 -8.18 17.83 16.51
C ILE A 80 -7.72 18.48 15.19
N SER A 81 -7.01 17.72 14.36
CA SER A 81 -6.61 18.17 12.99
CA SER A 81 -6.61 18.19 13.00
C SER A 81 -7.74 17.83 12.02
N VAL A 82 -8.26 18.84 11.34
CA VAL A 82 -9.34 18.71 10.32
C VAL A 82 -8.67 18.70 8.94
N GLY A 83 -9.03 17.72 8.11
CA GLY A 83 -8.60 17.65 6.70
C GLY A 83 -7.48 16.65 6.47
N GLY A 84 -6.32 17.14 6.05
CA GLY A 84 -5.20 16.28 5.60
C GLY A 84 -5.23 16.10 4.09
N TRP A 85 -4.26 15.38 3.54
CA TRP A 85 -4.15 15.13 2.08
C TRP A 85 -5.48 14.60 1.53
N SER A 86 -6.05 13.60 2.20
CA SER A 86 -7.21 12.81 1.69
C SER A 86 -8.54 13.56 1.88
N TRP A 87 -8.68 14.35 2.95
CA TRP A 87 -9.99 14.88 3.41
C TRP A 87 -10.05 16.42 3.38
N SER A 88 -9.40 17.07 2.40
CA SER A 88 -9.38 18.56 2.29
C SER A 88 -10.46 19.06 1.30
N SER A 89 -11.19 18.14 0.67
CA SER A 89 -12.12 18.47 -0.45
C SER A 89 -13.28 19.36 0.03
N GLY A 90 -13.62 19.33 1.32
CA GLY A 90 -14.75 20.09 1.88
C GLY A 90 -14.41 21.52 2.30
N PHE A 91 -13.14 21.90 2.30
CA PHE A 91 -12.71 23.23 2.83
C PHE A 91 -13.21 24.37 1.96
N SER A 92 -13.07 24.25 0.65
CA SER A 92 -13.42 25.36 -0.29
C SER A 92 -14.85 25.80 -0.04
N ASP A 93 -15.79 24.86 -0.01
CA ASP A 93 -17.23 25.15 0.25
C ASP A 93 -17.41 25.77 1.64
N ALA A 94 -16.79 25.19 2.67
CA ALA A 94 -16.94 25.62 4.09
C ALA A 94 -16.51 27.08 4.27
N ALA A 95 -15.53 27.57 3.50
CA ALA A 95 -14.87 28.88 3.70
C ALA A 95 -15.52 29.96 2.83
N ALA A 96 -16.42 29.55 1.94
CA ALA A 96 -16.91 30.35 0.79
C ALA A 96 -17.90 31.46 1.17
N THR A 97 -18.67 31.31 2.24
CA THR A 97 -19.70 32.29 2.69
C THR A 97 -19.72 32.44 4.20
N PRO A 98 -20.25 33.56 4.74
CA PRO A 98 -20.36 33.73 6.18
C PRO A 98 -21.18 32.60 6.84
N GLU A 99 -22.22 32.11 6.16
CA GLU A 99 -23.11 31.05 6.71
C GLU A 99 -22.35 29.73 6.82
N ALA A 100 -21.61 29.36 5.76
CA ALA A 100 -20.78 28.13 5.72
C ALA A 100 -19.69 28.20 6.80
N ARG A 101 -19.08 29.37 6.97
CA ARG A 101 -17.96 29.58 7.93
C ARG A 101 -18.48 29.41 9.36
N LYS A 102 -19.68 29.94 9.64
CA LYS A 102 -20.35 29.82 10.96
C LYS A 102 -20.69 28.33 11.19
N ARG A 103 -21.36 27.71 10.21
CA ARG A 103 -21.76 26.28 10.25
C ARG A 103 -20.52 25.45 10.61
N PHE A 104 -19.43 25.68 9.88
CA PHE A 104 -18.17 24.94 10.05
C PHE A 104 -17.61 25.20 11.45
N ALA A 105 -17.41 26.47 11.79
CA ALA A 105 -16.81 26.92 13.07
C ALA A 105 -17.60 26.35 14.24
N ASP A 106 -18.93 26.44 14.18
CA ASP A 106 -19.81 25.95 15.29
C ASP A 106 -19.68 24.43 15.42
N SER A 107 -19.60 23.68 14.31
CA SER A 107 -19.37 22.20 14.31
C SER A 107 -18.00 21.90 14.95
N ALA A 108 -16.99 22.73 14.70
CA ALA A 108 -15.64 22.52 15.29
C ALA A 108 -15.68 22.66 16.81
N VAL A 109 -16.30 23.71 17.31
CA VAL A 109 -16.52 23.94 18.76
C VAL A 109 -17.29 22.74 19.34
N ALA A 110 -18.38 22.35 18.68
CA ALA A 110 -19.21 21.20 19.14
C ALA A 110 -18.32 19.96 19.30
N PHE A 111 -17.46 19.70 18.32
CA PHE A 111 -16.56 18.52 18.28
C PHE A 111 -15.64 18.53 19.52
N ILE A 112 -14.90 19.63 19.73
CA ILE A 112 -13.84 19.64 20.77
C ILE A 112 -14.49 19.60 22.16
N ARG A 113 -15.69 20.18 22.31
CA ARG A 113 -16.45 20.06 23.58
C ARG A 113 -16.85 18.61 23.80
N LYS A 114 -17.39 17.96 22.76
CA LYS A 114 -17.91 16.58 22.88
C LYS A 114 -16.77 15.62 23.21
N TYR A 115 -15.61 15.75 22.55
CA TYR A 115 -14.53 14.73 22.60
C TYR A 115 -13.34 15.18 23.46
N GLY A 116 -13.42 16.36 24.08
CA GLY A 116 -12.46 16.81 25.12
C GLY A 116 -11.13 17.30 24.54
N PHE A 117 -11.15 17.92 23.37
CA PHE A 117 -9.94 18.54 22.77
C PHE A 117 -9.74 19.97 23.30
N ASP A 118 -8.54 20.50 23.13
CA ASP A 118 -8.12 21.85 23.58
C ASP A 118 -7.97 22.80 22.40
N GLY A 119 -8.36 22.39 21.20
CA GLY A 119 -8.49 23.30 20.05
C GLY A 119 -8.44 22.57 18.73
N VAL A 120 -8.22 23.32 17.65
CA VAL A 120 -8.42 22.87 16.24
C VAL A 120 -7.16 23.18 15.43
N ASP A 121 -6.66 22.21 14.65
CA ASP A 121 -5.56 22.35 13.66
C ASP A 121 -6.18 22.24 12.27
N ILE A 122 -6.13 23.31 11.48
CA ILE A 122 -6.67 23.32 10.09
C ILE A 122 -5.57 22.82 9.14
N ASP A 123 -5.75 21.61 8.58
CA ASP A 123 -4.83 20.98 7.60
C ASP A 123 -5.52 20.95 6.25
N TRP A 124 -5.57 22.12 5.62
CA TRP A 124 -6.20 22.37 4.29
C TRP A 124 -5.11 22.25 3.22
N GLU A 125 -5.19 21.21 2.37
CA GLU A 125 -4.15 20.87 1.35
C GLU A 125 -4.75 20.88 -0.06
N TYR A 126 -4.75 22.02 -0.75
CA TYR A 126 -4.28 23.31 -0.29
C TYR A 126 -5.18 24.38 -0.91
N PRO A 127 -5.26 25.61 -0.36
CA PRO A 127 -6.03 26.68 -1.00
C PRO A 127 -5.56 27.01 -2.42
N VAL A 128 -6.55 27.26 -3.30
CA VAL A 128 -6.41 27.75 -4.70
C VAL A 128 -5.92 26.63 -5.63
N GLU A 129 -4.84 25.94 -5.27
CA GLU A 129 -4.29 24.85 -6.13
C GLU A 129 -3.49 23.85 -5.28
N GLY A 130 -3.29 22.66 -5.83
CA GLY A 130 -2.55 21.58 -5.16
C GLY A 130 -3.45 20.76 -4.26
N GLY A 131 -3.10 19.49 -4.07
CA GLY A 131 -3.87 18.54 -3.26
C GLY A 131 -4.12 17.22 -3.98
N ALA A 132 -4.86 16.31 -3.34
CA ALA A 132 -5.16 14.95 -3.84
C ALA A 132 -6.05 15.05 -5.08
N GLU A 133 -6.33 13.92 -5.72
CA GLU A 133 -7.12 13.87 -6.99
C GLU A 133 -8.56 14.37 -6.74
N ASN A 134 -9.10 14.13 -5.54
CA ASN A 134 -10.50 14.47 -5.14
C ASN A 134 -10.61 15.90 -4.61
N MET A 135 -9.52 16.69 -4.63
CA MET A 135 -9.49 18.00 -3.93
C MET A 135 -10.29 19.03 -4.75
N LYS A 136 -10.93 19.97 -4.05
CA LYS A 136 -11.77 21.04 -4.67
C LYS A 136 -11.11 22.40 -4.37
N HIS A 137 -11.21 23.34 -5.31
CA HIS A 137 -10.56 24.67 -5.24
C HIS A 137 -11.50 25.73 -5.83
N ARG A 138 -11.27 26.99 -5.42
CA ARG A 138 -11.78 28.17 -6.15
C ARG A 138 -10.79 29.32 -5.91
N PRO A 139 -10.73 30.32 -6.81
CA PRO A 139 -9.77 31.41 -6.64
C PRO A 139 -9.95 32.18 -5.33
N GLU A 140 -11.20 32.25 -4.84
CA GLU A 140 -11.60 33.01 -3.63
C GLU A 140 -11.01 32.37 -2.37
N ASP A 141 -10.44 31.15 -2.48
CA ASP A 141 -9.77 30.42 -1.34
C ASP A 141 -8.70 31.30 -0.69
N LYS A 142 -8.03 32.14 -1.47
CA LYS A 142 -6.90 32.98 -0.98
C LYS A 142 -7.44 33.90 0.13
N GLN A 143 -8.52 34.62 -0.15
CA GLN A 143 -9.20 35.50 0.86
C GLN A 143 -10.01 34.64 1.85
N ASN A 144 -10.60 33.52 1.40
CA ASN A 144 -11.57 32.73 2.22
C ASN A 144 -10.84 31.98 3.34
N TYR A 145 -9.59 31.58 3.13
CA TYR A 145 -8.71 30.97 4.17
C TYR A 145 -8.59 31.93 5.36
N THR A 146 -8.35 33.21 5.08
CA THR A 146 -8.31 34.30 6.10
C THR A 146 -9.67 34.35 6.82
N LEU A 147 -10.78 34.41 6.08
CA LEU A 147 -12.13 34.62 6.65
C LEU A 147 -12.58 33.40 7.48
N LEU A 148 -12.31 32.18 7.02
CA LEU A 148 -12.62 30.95 7.77
C LEU A 148 -11.79 30.93 9.06
N THR A 149 -10.50 31.25 8.96
CA THR A 149 -9.61 31.35 10.15
C THR A 149 -10.23 32.32 11.16
N ARG A 150 -10.72 33.48 10.71
CA ARG A 150 -11.29 34.53 11.59
C ARG A 150 -12.56 33.99 12.26
N SER A 151 -13.43 33.32 11.50
CA SER A 151 -14.71 32.72 11.99
C SER A 151 -14.39 31.75 13.15
N LEU A 152 -13.35 30.94 12.97
CA LEU A 152 -12.93 29.89 13.94
C LEU A 152 -12.38 30.56 15.19
N ARG A 153 -11.49 31.54 15.02
CA ARG A 153 -10.86 32.28 16.16
C ARG A 153 -11.98 32.88 17.02
N GLU A 154 -12.97 33.47 16.36
CA GLU A 154 -14.14 34.14 16.99
C GLU A 154 -14.99 33.09 17.72
N ALA A 155 -15.33 31.97 17.06
CA ALA A 155 -16.16 30.89 17.64
C ALA A 155 -15.42 30.29 18.84
N LEU A 156 -14.11 30.13 18.71
CA LEU A 156 -13.29 29.48 19.78
C LEU A 156 -13.09 30.42 20.98
N ASP A 157 -12.96 31.73 20.77
CA ASP A 157 -12.85 32.71 21.90
C ASP A 157 -14.16 32.70 22.70
N THR A 158 -15.29 32.90 22.03
CA THR A 158 -16.67 32.85 22.60
C THR A 158 -16.88 31.58 23.44
N ALA A 159 -16.55 30.41 22.87
CA ALA A 159 -16.77 29.09 23.51
C ALA A 159 -15.83 28.97 24.70
N GLY A 160 -14.58 29.43 24.53
CA GLY A 160 -13.56 29.46 25.60
C GLY A 160 -14.03 30.29 26.79
N LYS A 161 -14.64 31.43 26.51
CA LYS A 161 -15.20 32.37 27.54
C LYS A 161 -16.35 31.64 28.26
N ALA A 162 -17.25 30.99 27.53
CA ALA A 162 -18.40 30.22 28.10
C ALA A 162 -17.88 29.12 29.03
N ASP A 163 -16.75 28.48 28.67
CA ASP A 163 -16.34 27.14 29.17
C ASP A 163 -15.27 27.31 30.25
N GLY A 164 -14.76 28.52 30.45
CA GLY A 164 -13.69 28.80 31.42
C GLY A 164 -12.37 28.20 30.98
N LYS A 165 -12.06 28.25 29.68
CA LYS A 165 -10.75 27.74 29.22
C LYS A 165 -10.38 28.41 27.90
N TYR A 166 -9.13 28.22 27.49
CA TYR A 166 -8.57 28.74 26.23
C TYR A 166 -8.48 27.60 25.21
N TYR A 167 -9.05 27.80 24.03
CA TYR A 167 -8.97 26.87 22.88
C TYR A 167 -7.95 27.42 21.87
N GLU A 168 -7.02 26.58 21.41
CA GLU A 168 -5.99 26.99 20.41
C GLU A 168 -6.55 26.78 19.00
N LEU A 169 -6.13 27.63 18.08
CA LEU A 169 -6.32 27.43 16.63
C LEU A 169 -4.95 27.41 15.99
N THR A 170 -4.63 26.36 15.23
CA THR A 170 -3.36 26.17 14.51
C THR A 170 -3.69 25.78 13.07
N THR A 171 -2.65 25.63 12.23
CA THR A 171 -2.79 25.21 10.82
C THR A 171 -1.49 24.52 10.40
N ALA A 172 -1.61 23.56 9.49
CA ALA A 172 -0.47 22.95 8.77
C ALA A 172 -0.40 23.61 7.40
N VAL A 173 0.76 24.14 7.03
CA VAL A 173 0.98 24.87 5.76
C VAL A 173 2.02 24.14 4.89
N TRP A 174 1.84 24.21 3.59
CA TRP A 174 2.70 23.58 2.54
C TRP A 174 4.15 24.05 2.69
N GLY A 175 5.13 23.16 2.53
CA GLY A 175 6.55 23.52 2.32
C GLY A 175 6.77 24.25 1.01
N ASN A 176 5.88 24.05 0.03
CA ASN A 176 5.92 24.75 -1.28
C ASN A 176 5.44 26.20 -1.11
N ASP A 177 6.22 27.17 -1.58
CA ASP A 177 5.94 28.62 -1.35
C ASP A 177 4.80 29.09 -2.29
N LYS A 178 4.26 28.23 -3.16
CA LYS A 178 2.95 28.49 -3.84
C LYS A 178 1.87 28.76 -2.78
N PHE A 179 1.96 28.11 -1.62
CA PHE A 179 0.97 28.25 -0.52
C PHE A 179 0.91 29.73 -0.10
N ILE A 180 2.07 30.39 -0.04
CA ILE A 180 2.22 31.80 0.40
C ILE A 180 1.59 32.69 -0.69
N ALA A 181 1.79 32.34 -1.97
CA ALA A 181 1.20 33.08 -3.12
C ALA A 181 -0.32 33.03 -3.07
N ASN A 182 -0.87 31.97 -2.46
CA ASN A 182 -2.29 31.54 -2.56
C ASN A 182 -3.03 31.76 -1.22
N THR A 183 -2.39 32.44 -0.26
CA THR A 183 -2.97 32.83 1.04
C THR A 183 -2.50 34.23 1.43
N GLU A 184 -2.97 34.70 2.58
CA GLU A 184 -2.59 35.98 3.21
C GLU A 184 -1.95 35.65 4.56
N MET A 185 -0.74 35.09 4.59
CA MET A 185 -0.15 34.55 5.85
C MET A 185 0.06 35.68 6.86
N ASP A 186 0.24 36.92 6.38
CA ASP A 186 0.35 38.11 7.27
C ASP A 186 -0.95 38.24 8.08
N LYS A 187 -2.10 38.14 7.44
CA LYS A 187 -3.44 38.29 8.09
C LYS A 187 -3.74 37.12 9.05
N VAL A 188 -3.70 35.86 8.58
CA VAL A 188 -4.13 34.66 9.37
C VAL A 188 -3.17 34.47 10.55
N SER A 189 -1.94 34.95 10.43
CA SER A 189 -0.92 34.81 11.51
C SER A 189 -1.41 35.47 12.79
N ARG A 190 -2.26 36.51 12.68
CA ARG A 190 -2.75 37.23 13.88
C ARG A 190 -3.78 36.36 14.64
N ASP A 191 -4.39 35.37 13.99
CA ASP A 191 -5.50 34.55 14.55
C ASP A 191 -5.03 33.17 14.98
N PHE A 192 -4.12 32.54 14.22
CA PHE A 192 -3.49 31.25 14.60
C PHE A 192 -2.53 31.47 15.79
N ASP A 193 -2.65 30.61 16.81
CA ASP A 193 -1.73 30.54 17.98
C ASP A 193 -0.33 30.18 17.50
N PHE A 194 -0.21 29.26 16.54
CA PHE A 194 1.07 28.95 15.87
C PHE A 194 0.77 28.25 14.54
N ILE A 195 1.80 28.14 13.71
CA ILE A 195 1.72 27.68 12.30
C ILE A 195 2.76 26.56 12.11
N ASN A 196 2.24 25.37 11.88
CA ASN A 196 3.03 24.13 11.68
C ASN A 196 3.47 24.13 10.22
N VAL A 197 4.71 24.52 9.95
CA VAL A 197 5.24 24.50 8.57
C VAL A 197 5.59 23.06 8.21
N MET A 198 4.97 22.54 7.16
CA MET A 198 5.23 21.14 6.73
C MET A 198 6.51 21.14 5.89
N SER A 199 7.65 21.31 6.54
CA SER A 199 8.97 21.51 5.88
C SER A 199 9.59 20.13 5.58
N TYR A 200 8.88 19.40 4.72
CA TYR A 200 9.14 18.01 4.28
C TYR A 200 8.27 17.74 3.05
N ASP A 201 8.31 16.51 2.54
CA ASP A 201 7.61 16.12 1.28
C ASP A 201 8.13 16.99 0.12
N PHE A 202 9.40 17.41 0.18
CA PHE A 202 10.06 18.24 -0.87
C PHE A 202 10.33 17.35 -2.08
N ASN A 203 10.66 16.08 -1.86
CA ASN A 203 10.86 15.07 -2.93
C ASN A 203 10.24 13.74 -2.47
N GLY A 204 9.84 12.91 -3.43
CA GLY A 204 9.10 11.67 -3.17
C GLY A 204 8.91 10.86 -4.43
N THR A 205 8.17 9.76 -4.35
CA THR A 205 8.08 8.75 -5.43
C THR A 205 7.17 9.28 -6.55
N TRP A 206 6.53 10.44 -6.34
CA TRP A 206 5.86 11.22 -7.43
C TRP A 206 6.90 11.56 -8.50
N ASN A 207 8.16 11.69 -8.13
CA ASN A 207 9.31 11.86 -9.06
C ASN A 207 9.86 10.47 -9.39
N LYS A 208 10.19 10.23 -10.65
CA LYS A 208 10.81 8.95 -11.09
C LYS A 208 12.30 8.94 -10.70
N PHE A 209 12.83 10.09 -10.27
CA PHE A 209 14.22 10.30 -9.80
C PHE A 209 14.23 10.49 -8.28
N SER A 210 15.32 10.05 -7.67
CA SER A 210 15.58 10.17 -6.20
C SER A 210 15.91 11.61 -5.79
N GLY A 211 15.72 11.91 -4.50
CA GLY A 211 15.97 13.22 -3.89
C GLY A 211 15.70 13.19 -2.40
N HIS A 212 15.84 14.34 -1.73
CA HIS A 212 15.74 14.41 -0.25
C HIS A 212 14.35 14.91 0.17
N ASN A 213 13.74 14.19 1.10
CA ASN A 213 12.42 14.54 1.67
C ASN A 213 12.48 15.93 2.31
N ALA A 214 13.55 16.22 3.06
CA ALA A 214 13.68 17.43 3.89
C ALA A 214 15.14 17.89 3.94
N PRO A 215 15.72 18.30 2.80
CA PRO A 215 17.08 18.85 2.79
C PRO A 215 17.08 20.19 3.55
N PHE A 216 18.11 20.47 4.33
CA PHE A 216 18.19 21.68 5.18
C PHE A 216 18.32 22.92 4.30
N VAL A 217 19.21 22.90 3.30
CA VAL A 217 19.41 24.06 2.40
C VAL A 217 19.41 23.61 0.93
N ASN A 218 19.32 24.55 0.00
CA ASN A 218 19.36 24.26 -1.46
C ASN A 218 20.71 23.61 -1.82
N ASP A 219 20.66 22.52 -2.57
CA ASP A 219 21.83 21.88 -3.23
C ASP A 219 21.75 22.13 -4.73
N PRO A 220 22.55 23.05 -5.31
CA PRO A 220 22.50 23.29 -6.76
C PRO A 220 22.92 22.12 -7.66
N ALA A 221 23.58 21.11 -7.08
CA ALA A 221 23.88 19.81 -7.74
C ALA A 221 22.58 19.12 -8.16
N TYR A 222 21.47 19.40 -7.45
CA TYR A 222 20.12 18.83 -7.71
C TYR A 222 19.42 19.76 -8.73
N ASP A 223 19.31 19.31 -9.97
CA ASP A 223 18.76 20.14 -11.08
C ASP A 223 17.78 19.33 -11.92
N LYS A 224 17.16 18.31 -11.33
CA LYS A 224 16.10 17.51 -12.01
C LYS A 224 14.89 18.39 -12.32
N PRO A 225 14.09 18.06 -13.36
CA PRO A 225 13.10 18.99 -13.90
C PRO A 225 11.96 19.45 -12.96
N GLY A 226 11.84 20.77 -12.84
CA GLY A 226 10.78 21.46 -12.08
C GLY A 226 10.97 21.35 -10.57
N ILE A 227 12.12 20.86 -10.11
CA ILE A 227 12.40 20.83 -8.64
C ILE A 227 12.92 22.23 -8.30
N GLY A 228 12.15 22.97 -7.50
CA GLY A 228 12.45 24.38 -7.18
C GLY A 228 13.69 24.52 -6.32
N LYS A 229 14.43 25.63 -6.46
CA LYS A 229 15.60 25.97 -5.62
C LYS A 229 15.17 26.18 -4.17
N THR A 230 13.88 26.39 -3.91
CA THR A 230 13.32 26.68 -2.56
C THR A 230 12.74 25.42 -1.92
N PHE A 231 13.01 24.24 -2.46
CA PHE A 231 12.45 22.96 -1.95
C PHE A 231 13.32 22.44 -0.80
N ASN A 232 13.39 23.20 0.29
CA ASN A 232 14.31 22.88 1.41
C ASN A 232 13.82 23.60 2.64
N VAL A 233 14.32 23.22 3.82
CA VAL A 233 13.76 23.74 5.09
C VAL A 233 14.03 25.24 5.21
N VAL A 234 15.28 25.66 5.01
CA VAL A 234 15.68 27.07 5.30
C VAL A 234 14.87 27.97 4.36
N SER A 235 14.73 27.55 3.11
CA SER A 235 13.98 28.34 2.08
C SER A 235 12.52 28.51 2.52
N ALA A 236 11.89 27.44 3.01
CA ALA A 236 10.49 27.43 3.46
C ALA A 236 10.34 28.37 4.67
N VAL A 237 11.20 28.21 5.67
CA VAL A 237 11.16 29.05 6.90
C VAL A 237 11.34 30.54 6.54
N GLU A 238 12.34 30.89 5.72
CA GLU A 238 12.60 32.30 5.36
C GLU A 238 11.39 32.82 4.56
N ALA A 239 10.82 32.00 3.68
CA ALA A 239 9.64 32.40 2.87
C ALA A 239 8.46 32.78 3.78
N TYR A 240 8.16 31.97 4.82
CA TYR A 240 7.03 32.21 5.74
C TYR A 240 7.36 33.40 6.66
N LEU A 241 8.63 33.62 7.00
CA LEU A 241 9.04 34.79 7.82
C LEU A 241 8.76 36.06 7.01
N LYS A 242 9.21 36.09 5.76
CA LYS A 242 9.02 37.25 4.84
C LYS A 242 7.52 37.49 4.58
N ALA A 243 6.71 36.43 4.52
CA ALA A 243 5.26 36.52 4.22
C ALA A 243 4.53 37.06 5.45
N GLY A 244 5.17 37.09 6.63
CA GLY A 244 4.69 37.84 7.81
C GLY A 244 4.26 36.93 8.95
N VAL A 245 4.65 35.66 8.91
CA VAL A 245 4.53 34.73 10.05
C VAL A 245 5.60 35.13 11.07
N PRO A 246 5.20 35.50 12.30
CA PRO A 246 6.17 35.89 13.33
C PRO A 246 7.02 34.68 13.74
N ALA A 247 8.30 34.91 13.96
CA ALA A 247 9.31 33.88 14.30
C ALA A 247 8.75 32.97 15.40
N ASP A 248 8.21 33.57 16.46
CA ASP A 248 7.78 32.83 17.69
C ASP A 248 6.58 31.91 17.39
N LYS A 249 5.86 32.13 16.30
CA LYS A 249 4.68 31.29 15.92
C LYS A 249 5.05 30.27 14.85
N LEU A 250 6.26 30.30 14.31
CA LEU A 250 6.66 29.43 13.17
C LEU A 250 7.23 28.12 13.73
N VAL A 251 6.49 27.02 13.60
CA VAL A 251 6.94 25.69 14.10
C VAL A 251 7.45 24.85 12.92
N VAL A 252 8.67 24.33 13.04
CA VAL A 252 9.40 23.69 11.90
C VAL A 252 9.05 22.19 11.86
N GLY A 253 8.36 21.75 10.81
CA GLY A 253 8.03 20.34 10.59
C GLY A 253 9.24 19.45 10.28
N VAL A 254 9.24 18.25 10.86
CA VAL A 254 10.27 17.19 10.75
C VAL A 254 9.53 15.90 10.38
N PRO A 255 10.01 15.13 9.37
CA PRO A 255 9.45 13.82 9.06
C PRO A 255 10.07 12.66 9.86
N LEU A 256 9.25 11.76 10.42
CA LEU A 256 9.72 10.56 11.18
C LEU A 256 9.57 9.33 10.29
N TYR A 257 9.22 9.52 9.02
CA TYR A 257 9.17 8.49 7.96
C TYR A 257 10.28 8.79 6.95
N GLY A 258 10.50 7.85 6.03
CA GLY A 258 11.38 8.03 4.86
C GLY A 258 10.65 7.65 3.57
N TYR A 259 11.15 8.08 2.41
CA TYR A 259 10.70 7.57 1.10
C TYR A 259 11.82 6.74 0.46
N SER A 260 11.43 5.76 -0.36
CA SER A 260 12.35 4.84 -1.05
C SER A 260 11.96 4.70 -2.52
N TRP A 261 12.98 4.52 -3.35
CA TRP A 261 12.85 4.13 -4.78
C TRP A 261 13.55 2.78 -4.97
N LYS A 262 13.28 2.09 -6.06
CA LYS A 262 14.10 0.91 -6.46
C LYS A 262 14.76 1.16 -7.82
N GLY A 263 15.83 0.41 -8.09
CA GLY A 263 16.53 0.42 -9.39
C GLY A 263 17.04 1.80 -9.75
N CYS A 264 17.51 2.58 -8.77
CA CYS A 264 18.20 3.87 -9.02
C CYS A 264 19.59 3.56 -9.57
N ALA A 265 19.92 4.13 -10.74
CA ALA A 265 21.31 4.23 -11.25
C ALA A 265 22.20 4.81 -10.15
N ALA A 266 23.44 4.32 -10.01
CA ALA A 266 24.38 4.78 -8.96
C ALA A 266 24.94 6.14 -9.38
N GLY A 267 25.20 6.30 -10.68
CA GLY A 267 25.85 7.49 -11.26
C GLY A 267 27.11 7.85 -10.48
N GLU A 268 27.38 9.14 -10.32
CA GLU A 268 28.58 9.64 -9.59
C GLU A 268 28.30 9.73 -8.08
N ARG A 269 27.06 9.50 -7.63
CA ARG A 269 26.57 10.01 -6.32
C ARG A 269 25.90 8.90 -5.48
N ASN A 270 26.22 7.63 -5.73
CA ASN A 270 25.63 6.48 -5.00
C ASN A 270 24.10 6.59 -4.97
N GLY A 271 23.51 6.89 -6.12
CA GLY A 271 22.05 6.83 -6.34
C GLY A 271 21.33 8.14 -6.08
N GLU A 272 22.03 9.16 -5.53
CA GLU A 272 21.45 10.49 -5.19
C GLU A 272 21.18 11.30 -6.47
N TYR A 273 19.94 11.75 -6.64
CA TYR A 273 19.47 12.60 -7.77
C TYR A 273 19.56 11.83 -9.10
N GLN A 274 19.26 10.53 -9.06
CA GLN A 274 19.43 9.59 -10.21
C GLN A 274 18.06 9.09 -10.67
N ASP A 275 17.97 8.62 -11.92
CA ASP A 275 16.76 7.99 -12.49
C ASP A 275 16.60 6.61 -11.85
N CYS A 276 15.38 6.30 -11.39
CA CYS A 276 15.03 5.02 -10.71
C CYS A 276 13.88 4.29 -11.43
N ASN A 277 13.51 3.13 -10.88
CA ASN A 277 12.54 2.19 -11.50
C ASN A 277 11.37 1.97 -10.54
N GLY A 278 10.85 3.06 -9.98
CA GLY A 278 9.61 3.10 -9.18
C GLY A 278 9.87 3.00 -7.69
N LYS A 279 8.81 2.73 -6.93
CA LYS A 279 8.82 2.75 -5.44
C LYS A 279 9.75 1.66 -4.94
N GLY A 280 10.39 1.93 -3.81
CA GLY A 280 11.25 0.94 -3.09
C GLY A 280 10.48 0.23 -2.00
N ARG A 281 11.17 -0.55 -1.15
CA ARG A 281 10.54 -1.26 -0.02
C ARG A 281 9.97 -0.22 0.95
N GLY A 282 8.84 -0.55 1.59
CA GLY A 282 8.17 0.31 2.57
C GLY A 282 7.71 -0.48 3.79
N THR A 283 7.16 0.18 4.80
CA THR A 283 6.64 -0.52 6.02
C THR A 283 5.19 -0.93 5.71
N TRP A 284 4.26 0.04 5.72
CA TRP A 284 2.79 -0.18 5.68
C TRP A 284 2.30 -0.07 4.24
N GLU A 285 3.14 0.46 3.36
CA GLU A 285 2.90 0.54 1.89
C GLU A 285 4.25 0.68 1.19
N ASP A 286 4.35 0.31 -0.08
CA ASP A 286 5.59 0.47 -0.89
C ASP A 286 6.05 1.93 -0.87
N GLY A 287 7.36 2.16 -0.78
CA GLY A 287 7.96 3.50 -0.99
C GLY A 287 7.87 4.42 0.22
N ASN A 288 7.32 3.95 1.34
CA ASN A 288 7.21 4.73 2.60
C ASN A 288 7.64 3.84 3.77
N LEU A 289 8.76 4.20 4.41
CA LEU A 289 9.37 3.45 5.55
C LEU A 289 9.16 4.24 6.86
N ASP A 290 8.67 3.58 7.91
CA ASP A 290 8.79 4.13 9.28
C ASP A 290 10.27 4.29 9.59
N PHE A 291 10.64 5.30 10.38
CA PHE A 291 12.01 5.44 10.93
C PHE A 291 12.36 4.16 11.70
N THR A 292 11.41 3.59 12.44
CA THR A 292 11.58 2.32 13.21
C THR A 292 12.16 1.22 12.29
N ASP A 293 11.62 1.13 11.06
CA ASP A 293 11.96 0.08 10.06
C ASP A 293 13.38 0.35 9.52
N ILE A 294 13.66 1.60 9.15
CA ILE A 294 14.97 2.06 8.63
C ILE A 294 16.06 1.72 9.65
N GLU A 295 15.82 2.14 10.89
CA GLU A 295 16.76 1.99 12.03
C GLU A 295 17.05 0.51 12.29
N LYS A 296 16.02 -0.35 12.30
CA LYS A 296 16.16 -1.79 12.61
C LYS A 296 16.81 -2.52 11.43
N ASN A 297 16.38 -2.24 10.19
CA ASN A 297 16.59 -3.17 9.03
C ASN A 297 17.58 -2.61 8.00
N LEU A 298 17.77 -1.28 7.91
CA LEU A 298 18.41 -0.65 6.72
C LEU A 298 19.64 0.19 7.07
N LEU A 299 19.70 0.80 8.26
CA LEU A 299 20.68 1.88 8.57
C LEU A 299 22.07 1.26 8.71
N ASN A 300 22.88 1.37 7.64
CA ASN A 300 24.19 0.67 7.50
C ASN A 300 23.97 -0.83 7.75
N LYS A 301 22.97 -1.43 7.10
CA LYS A 301 22.56 -2.83 7.34
C LYS A 301 22.06 -3.44 6.03
N LYS A 302 22.25 -4.76 5.88
CA LYS A 302 21.68 -5.56 4.75
C LYS A 302 21.94 -4.89 3.40
N GLY A 303 23.15 -4.41 3.15
CA GLY A 303 23.56 -3.90 1.83
C GLY A 303 23.20 -2.43 1.64
N PHE A 304 22.46 -1.82 2.57
CA PHE A 304 22.17 -0.36 2.58
C PHE A 304 23.30 0.34 3.34
N LYS A 305 23.99 1.25 2.65
CA LYS A 305 25.11 2.07 3.17
C LYS A 305 24.59 3.50 3.40
N ARG A 306 24.93 4.11 4.54
CA ARG A 306 24.58 5.52 4.83
C ARG A 306 25.58 6.46 4.15
N TYR A 307 25.10 7.50 3.46
CA TYR A 307 25.92 8.61 2.90
C TYR A 307 25.37 9.94 3.40
N TRP A 308 26.24 10.95 3.47
CA TRP A 308 25.94 12.32 3.96
C TRP A 308 26.25 13.34 2.85
N ASN A 309 25.25 14.13 2.45
CA ASN A 309 25.44 15.27 1.53
C ASN A 309 25.70 16.51 2.38
N ASP A 310 26.92 17.02 2.36
CA ASP A 310 27.36 18.13 3.25
C ASP A 310 26.97 19.48 2.66
N THR A 311 26.36 19.52 1.48
CA THR A 311 25.73 20.74 0.93
C THR A 311 24.30 20.84 1.49
N ALA A 312 23.41 19.90 1.10
CA ALA A 312 21.99 19.84 1.54
C ALA A 312 21.89 19.65 3.06
N LYS A 313 22.92 19.05 3.67
CA LYS A 313 22.90 18.63 5.09
C LYS A 313 21.81 17.58 5.29
N ALA A 314 21.90 16.49 4.53
CA ALA A 314 20.94 15.36 4.56
C ALA A 314 21.70 14.05 4.38
N ALA A 315 21.27 13.01 5.09
CA ALA A 315 21.75 11.63 4.90
C ALA A 315 20.76 10.86 4.02
N TYR A 316 21.27 9.84 3.33
CA TYR A 316 20.48 8.91 2.49
C TYR A 316 21.13 7.52 2.60
N LEU A 317 20.37 6.48 2.30
CA LEU A 317 20.88 5.09 2.18
C LEU A 317 20.83 4.67 0.72
N TYR A 318 21.84 3.92 0.28
CA TYR A 318 21.82 3.29 -1.07
C TYR A 318 22.23 1.83 -0.92
N ASN A 319 21.45 0.97 -1.58
CA ASN A 319 21.75 -0.46 -1.76
C ASN A 319 22.20 -0.62 -3.21
N ALA A 320 23.51 -0.77 -3.43
CA ALA A 320 24.10 -0.84 -4.79
C ALA A 320 23.58 -2.09 -5.50
N GLU A 321 23.29 -3.16 -4.75
CA GLU A 321 22.84 -4.48 -5.29
C GLU A 321 21.47 -4.32 -5.95
N THR A 322 20.48 -3.70 -5.26
CA THR A 322 19.09 -3.55 -5.76
C THR A 322 18.86 -2.17 -6.37
N GLY A 323 19.78 -1.23 -6.15
CA GLY A 323 19.62 0.18 -6.54
C GLY A 323 18.55 0.91 -5.72
N GLU A 324 18.20 0.41 -4.54
CA GLU A 324 17.17 1.06 -3.68
C GLU A 324 17.81 2.23 -2.92
N PHE A 325 17.19 3.40 -3.06
CA PHE A 325 17.61 4.68 -2.44
C PHE A 325 16.57 5.09 -1.38
N VAL A 326 17.03 5.37 -0.15
CA VAL A 326 16.15 5.82 0.96
C VAL A 326 16.56 7.25 1.37
N THR A 327 15.59 8.16 1.39
CA THR A 327 15.68 9.49 2.05
C THR A 327 14.97 9.37 3.39
N TYR A 328 15.61 9.83 4.46
CA TYR A 328 15.06 9.76 5.83
C TYR A 328 15.73 10.84 6.66
N GLU A 329 15.23 11.08 7.87
CA GLU A 329 15.76 12.12 8.79
C GLU A 329 16.84 11.51 9.69
N ASP A 330 18.11 11.78 9.38
CA ASP A 330 19.23 11.34 10.27
C ASP A 330 19.38 12.32 11.44
N PRO A 331 19.79 11.83 12.63
CA PRO A 331 20.14 12.70 13.75
C PRO A 331 21.12 13.85 13.46
N GLN A 332 22.03 13.68 12.49
CA GLN A 332 23.03 14.73 12.15
C GLN A 332 22.29 15.92 11.53
N ALA A 333 21.33 15.63 10.66
CA ALA A 333 20.50 16.65 9.98
C ALA A 333 19.55 17.31 10.99
N LEU A 334 18.92 16.52 11.87
CA LEU A 334 17.92 17.01 12.86
C LEU A 334 18.59 17.90 13.91
N LYS A 335 19.80 17.58 14.37
CA LYS A 335 20.55 18.48 15.29
C LYS A 335 20.74 19.85 14.61
N ILE A 336 21.07 19.89 13.33
CA ILE A 336 21.27 21.18 12.62
C ILE A 336 19.95 21.96 12.65
N LYS A 337 18.82 21.29 12.40
CA LYS A 337 17.50 21.96 12.37
C LYS A 337 17.13 22.45 13.77
N LEU A 338 17.49 21.72 14.83
CA LEU A 338 17.13 22.14 16.21
C LEU A 338 17.95 23.37 16.59
N ASP A 339 19.24 23.38 16.23
CA ASP A 339 20.11 24.58 16.38
C ASP A 339 19.51 25.76 15.65
N TYR A 340 18.99 25.54 14.43
CA TYR A 340 18.47 26.62 13.55
C TYR A 340 17.20 27.21 14.17
N ILE A 341 16.34 26.37 14.74
CA ILE A 341 15.12 26.81 15.48
C ILE A 341 15.54 27.84 16.53
N LYS A 342 16.55 27.51 17.33
CA LYS A 342 16.99 28.39 18.44
C LYS A 342 17.58 29.69 17.89
N SER A 343 18.44 29.60 16.87
CA SER A 343 19.16 30.77 16.30
CA SER A 343 19.16 30.75 16.27
C SER A 343 18.16 31.77 15.72
N LYS A 344 17.07 31.27 15.14
CA LYS A 344 16.05 32.13 14.49
C LYS A 344 14.92 32.51 15.47
N GLY A 345 14.97 32.07 16.73
CA GLY A 345 13.88 32.32 17.69
C GLY A 345 12.53 31.73 17.25
N LEU A 346 12.52 30.53 16.66
CA LEU A 346 11.27 29.96 16.09
C LEU A 346 10.39 29.32 17.19
N GLY A 347 9.17 28.90 16.82
CA GLY A 347 8.12 28.50 17.76
C GLY A 347 8.30 27.08 18.27
N GLY A 348 9.21 26.34 17.65
CA GLY A 348 9.62 25.00 18.09
C GLY A 348 9.63 24.03 16.92
N ALA A 349 9.25 22.77 17.15
CA ALA A 349 9.33 21.69 16.15
C ALA A 349 7.99 20.96 16.10
N MET A 350 7.68 20.46 14.90
CA MET A 350 6.46 19.67 14.61
C MET A 350 6.95 18.39 13.94
N TYR A 351 6.24 17.28 14.09
CA TYR A 351 6.64 16.05 13.38
C TYR A 351 5.44 15.21 12.96
N TRP A 352 5.63 14.61 11.78
CA TRP A 352 4.73 13.61 11.18
C TRP A 352 5.50 12.30 11.04
N GLU A 353 5.09 11.25 11.78
CA GLU A 353 4.14 11.28 12.88
C GLU A 353 4.67 10.33 13.96
N ILE A 354 4.10 10.40 15.16
CA ILE A 354 4.75 9.85 16.39
C ILE A 354 4.81 8.31 16.37
N THR A 355 3.92 7.61 15.64
CA THR A 355 3.92 6.12 15.63
C THR A 355 5.14 5.61 14.85
N ALA A 356 5.78 6.46 14.06
CA ALA A 356 6.80 6.05 13.05
C ALA A 356 8.20 5.88 13.67
N ASP A 357 8.36 6.11 14.98
CA ASP A 357 9.68 6.09 15.66
C ASP A 357 9.52 5.42 17.04
N ARG A 358 9.44 4.10 17.07
CA ARG A 358 9.01 3.34 18.28
C ARG A 358 10.15 3.37 19.32
N LYS A 359 11.41 3.46 18.89
CA LYS A 359 12.54 3.63 19.84
C LYS A 359 12.70 5.10 20.25
N GLN A 360 12.01 6.05 19.61
CA GLN A 360 12.02 7.48 20.01
C GLN A 360 13.42 8.09 19.80
N THR A 361 14.16 7.63 18.78
CA THR A 361 15.53 8.17 18.47
C THR A 361 15.40 9.66 18.12
N LEU A 362 14.50 9.99 17.18
CA LEU A 362 14.26 11.39 16.77
C LEU A 362 13.42 12.08 17.85
N VAL A 363 12.39 11.42 18.34
CA VAL A 363 11.46 11.98 19.37
C VAL A 363 12.30 12.50 20.54
N ASN A 364 13.25 11.69 21.02
CA ASN A 364 14.07 12.00 22.22
C ASN A 364 15.03 13.15 21.93
N LEU A 365 15.66 13.18 20.75
CA LEU A 365 16.57 14.30 20.38
C LEU A 365 15.80 15.63 20.42
N ILE A 366 14.61 15.65 19.80
CA ILE A 366 13.76 16.88 19.73
C ILE A 366 13.41 17.36 21.15
N ALA A 367 12.86 16.46 21.96
CA ALA A 367 12.49 16.69 23.38
C ALA A 367 13.70 17.23 24.15
N ASP A 368 14.86 16.58 24.04
CA ASP A 368 16.04 16.95 24.85
C ASP A 368 16.57 18.32 24.43
N GLU A 369 16.43 18.72 23.17
CA GLU A 369 17.03 20.00 22.69
C GLU A 369 16.09 21.18 23.01
N LEU A 370 14.77 20.97 22.98
CA LEU A 370 13.77 22.08 22.99
C LEU A 370 13.04 22.20 24.33
N LEU A 371 12.90 21.11 25.10
CA LEU A 371 12.02 21.12 26.30
C LEU A 371 12.84 21.20 27.60
N THR A 372 13.96 20.48 27.68
CA THR A 372 14.76 20.37 28.94
C THR A 372 15.39 21.74 29.26
N SER B 6 -1.87 -39.03 -9.12
CA SER B 6 -0.82 -38.10 -9.62
C SER B 6 -1.38 -36.66 -9.61
N TYR B 7 -0.83 -35.79 -8.76
CA TYR B 7 -1.33 -34.40 -8.58
C TYR B 7 -0.19 -33.39 -8.59
N ARG B 8 -0.39 -32.31 -9.33
CA ARG B 8 0.53 -31.15 -9.38
C ARG B 8 0.31 -30.28 -8.14
N VAL B 9 1.38 -29.64 -7.69
CA VAL B 9 1.32 -28.55 -6.67
C VAL B 9 2.08 -27.38 -7.28
N VAL B 10 1.35 -26.37 -7.77
CA VAL B 10 1.90 -25.25 -8.57
C VAL B 10 1.96 -23.98 -7.71
N ALA B 11 3.16 -23.60 -7.27
CA ALA B 11 3.33 -22.42 -6.38
C ALA B 11 3.86 -21.22 -7.19
N TYR B 12 3.12 -20.11 -7.19
CA TYR B 12 3.58 -18.80 -7.73
C TYR B 12 4.59 -18.21 -6.75
N TYR B 13 5.74 -17.77 -7.25
CA TYR B 13 6.73 -16.94 -6.51
C TYR B 13 6.77 -15.54 -7.13
N ILE B 14 6.56 -14.49 -6.33
CA ILE B 14 6.59 -13.07 -6.76
C ILE B 14 8.03 -12.54 -6.70
N SER B 15 8.45 -11.81 -7.72
CA SER B 15 9.81 -11.20 -7.78
C SER B 15 10.01 -10.26 -6.59
N ALA B 16 8.96 -9.56 -6.15
CA ALA B 16 8.98 -8.60 -5.02
C ALA B 16 9.39 -9.31 -3.72
N GLY B 17 9.30 -10.64 -3.69
CA GLY B 17 9.83 -11.43 -2.55
C GLY B 17 11.23 -11.00 -2.16
N ALA B 18 12.06 -10.59 -3.13
CA ALA B 18 13.49 -10.29 -2.93
C ALA B 18 13.71 -8.88 -2.34
N TYR B 19 12.65 -8.12 -2.09
CA TYR B 19 12.74 -6.76 -1.47
C TYR B 19 12.43 -6.89 0.03
N GLY B 20 11.48 -6.11 0.56
CA GLY B 20 11.24 -6.01 2.02
C GLY B 20 10.68 -7.32 2.59
N ARG B 21 9.95 -8.08 1.78
CA ARG B 21 9.49 -9.44 2.16
C ARG B 21 10.67 -10.33 2.59
N SER B 22 11.85 -10.14 2.01
CA SER B 22 13.07 -10.93 2.35
C SER B 22 12.78 -12.43 2.23
N TYR B 23 12.08 -12.83 1.18
CA TYR B 23 11.79 -14.26 0.90
C TYR B 23 12.32 -14.58 -0.50
N PHE B 24 13.43 -15.31 -0.54
CA PHE B 24 14.22 -15.56 -1.78
C PHE B 24 13.95 -16.98 -2.27
N PRO B 25 14.29 -17.32 -3.54
CA PRO B 25 14.18 -18.69 -4.00
C PRO B 25 14.93 -19.66 -3.06
N SER B 26 16.00 -19.20 -2.41
CA SER B 26 16.73 -19.99 -1.39
C SER B 26 15.84 -20.32 -0.19
N ASP B 27 14.75 -19.57 0.04
CA ASP B 27 13.85 -19.85 1.20
C ASP B 27 12.80 -20.93 0.86
N ILE B 28 12.65 -21.33 -0.40
CA ILE B 28 11.50 -22.18 -0.83
C ILE B 28 11.78 -23.64 -0.46
N ASP B 29 10.76 -24.32 0.08
CA ASP B 29 10.80 -25.78 0.40
C ASP B 29 10.34 -26.55 -0.84
N TYR B 30 11.28 -26.84 -1.72
CA TYR B 30 11.02 -27.38 -3.07
C TYR B 30 10.44 -28.81 -3.00
N SER B 31 10.60 -29.50 -1.87
CA SER B 31 9.97 -30.83 -1.62
C SER B 31 8.43 -30.71 -1.54
N LYS B 32 7.89 -29.50 -1.34
CA LYS B 32 6.43 -29.26 -1.13
C LYS B 32 5.75 -28.88 -2.45
N VAL B 33 6.49 -28.82 -3.55
CA VAL B 33 5.91 -28.40 -4.87
C VAL B 33 6.29 -29.40 -5.97
N THR B 34 5.63 -29.30 -7.13
CA THR B 34 6.04 -29.92 -8.42
C THR B 34 6.54 -28.81 -9.35
N HIS B 35 5.96 -27.61 -9.24
CA HIS B 35 6.17 -26.46 -10.16
C HIS B 35 6.31 -25.17 -9.36
N ILE B 36 7.29 -24.34 -9.73
CA ILE B 36 7.38 -22.89 -9.37
C ILE B 36 7.04 -22.09 -10.64
N ASN B 37 6.08 -21.17 -10.53
CA ASN B 37 5.70 -20.18 -11.58
C ASN B 37 6.27 -18.83 -11.13
N TYR B 38 7.24 -18.28 -11.86
CA TYR B 38 7.89 -16.99 -11.52
C TYR B 38 7.01 -15.86 -12.05
N ALA B 39 6.41 -15.09 -11.14
CA ALA B 39 5.57 -13.92 -11.47
C ALA B 39 6.41 -12.64 -11.31
N PHE B 40 6.63 -11.85 -12.36
CA PHE B 40 6.23 -12.10 -13.75
C PHE B 40 7.35 -11.68 -14.71
N ALA B 41 7.25 -12.11 -15.97
CA ALA B 41 7.88 -11.45 -17.15
C ALA B 41 6.87 -10.47 -17.74
N ASN B 42 7.39 -9.42 -18.39
CA ASN B 42 6.57 -8.33 -18.99
C ASN B 42 6.57 -8.54 -20.49
N ILE B 43 5.81 -7.72 -21.20
CA ILE B 43 5.79 -7.69 -22.69
C ILE B 43 6.24 -6.30 -23.11
N LYS B 44 7.30 -6.22 -23.92
CA LYS B 44 7.76 -4.96 -24.55
C LYS B 44 8.08 -5.20 -26.03
N ASP B 45 7.60 -4.31 -26.89
CA ASP B 45 7.60 -4.40 -28.37
C ASP B 45 7.29 -5.84 -28.81
N GLY B 46 6.25 -6.44 -28.22
CA GLY B 46 5.68 -7.73 -28.67
C GLY B 46 6.46 -8.95 -28.22
N GLU B 47 7.34 -8.79 -27.23
CA GLU B 47 8.32 -9.83 -26.83
C GLU B 47 8.28 -9.97 -25.31
N VAL B 48 8.42 -11.21 -24.87
CA VAL B 48 8.66 -11.55 -23.43
C VAL B 48 9.99 -10.92 -23.02
N VAL B 49 9.97 -10.03 -22.02
CA VAL B 49 11.17 -9.34 -21.50
C VAL B 49 11.23 -9.55 -19.98
N VAL B 50 12.39 -9.30 -19.38
CA VAL B 50 12.59 -9.39 -17.91
C VAL B 50 11.72 -8.32 -17.25
N GLY B 51 10.93 -8.70 -16.24
CA GLY B 51 10.04 -7.80 -15.50
C GLY B 51 10.79 -6.77 -14.66
N ASP B 52 11.74 -7.24 -13.83
CA ASP B 52 12.49 -6.38 -12.87
C ASP B 52 13.97 -6.75 -12.90
N PRO B 53 14.79 -6.03 -13.69
CA PRO B 53 16.24 -6.22 -13.70
C PRO B 53 16.97 -6.10 -12.35
N GLY B 54 16.34 -5.52 -11.34
CA GLY B 54 16.93 -5.33 -10.00
C GLY B 54 17.01 -6.60 -9.18
N VAL B 55 16.20 -7.62 -9.49
CA VAL B 55 16.13 -8.88 -8.70
C VAL B 55 16.01 -10.14 -9.59
N ASP B 56 15.55 -10.02 -10.84
CA ASP B 56 15.26 -11.20 -11.72
C ASP B 56 16.57 -11.79 -12.29
N ASP B 57 17.18 -11.11 -13.28
CA ASP B 57 18.41 -11.53 -14.01
C ASP B 57 19.66 -10.81 -13.46
N GLY B 58 19.49 -9.91 -12.49
CA GLY B 58 20.58 -9.16 -11.85
C GLY B 58 20.26 -8.84 -10.40
N GLY B 59 21.15 -8.12 -9.71
CA GLY B 59 20.96 -7.72 -8.30
C GLY B 59 20.84 -8.92 -7.39
N LYS B 60 19.65 -9.22 -6.87
CA LYS B 60 19.42 -10.37 -5.97
C LYS B 60 19.55 -11.68 -6.76
N ASN B 61 19.36 -11.63 -8.08
CA ASN B 61 19.60 -12.74 -9.03
C ASN B 61 18.71 -13.93 -8.66
N ASN B 62 17.40 -13.71 -8.61
CA ASN B 62 16.42 -14.79 -8.33
C ASN B 62 16.51 -15.88 -9.40
N PHE B 63 16.86 -15.53 -10.64
CA PHE B 63 16.90 -16.53 -11.74
C PHE B 63 18.02 -17.54 -11.48
N THR B 64 19.22 -17.06 -11.14
CA THR B 64 20.39 -17.88 -10.74
C THR B 64 19.97 -18.81 -9.59
N ALA B 65 19.24 -18.27 -8.62
CA ALA B 65 18.80 -19.03 -7.42
C ALA B 65 17.86 -20.16 -7.85
N LEU B 66 17.03 -19.93 -8.87
CA LEU B 66 16.07 -20.97 -9.32
C LEU B 66 16.81 -22.06 -10.11
N ARG B 67 17.83 -21.69 -10.90
CA ARG B 67 18.69 -22.68 -11.61
C ARG B 67 19.43 -23.53 -10.57
N LYS B 68 19.88 -22.93 -9.47
CA LYS B 68 20.58 -23.70 -8.40
C LYS B 68 19.60 -24.71 -7.80
N ALA B 69 18.37 -24.29 -7.51
CA ALA B 69 17.33 -25.16 -6.91
C ALA B 69 17.07 -26.37 -7.81
N LYS B 70 16.91 -26.15 -9.13
CA LYS B 70 16.70 -27.26 -10.11
C LYS B 70 17.83 -28.30 -10.02
N LYS B 71 19.06 -27.86 -9.79
CA LYS B 71 20.26 -28.75 -9.66
C LYS B 71 20.08 -29.63 -8.41
N ALA B 72 19.69 -29.02 -7.29
CA ALA B 72 19.55 -29.70 -5.98
C ALA B 72 18.27 -30.53 -5.91
N HIS B 73 17.30 -30.27 -6.81
CA HIS B 73 15.96 -30.91 -6.81
C HIS B 73 15.61 -31.30 -8.25
N PRO B 74 16.07 -32.49 -8.71
CA PRO B 74 15.82 -32.94 -10.08
C PRO B 74 14.33 -33.01 -10.47
N HIS B 75 13.41 -33.13 -9.50
CA HIS B 75 11.95 -33.19 -9.75
C HIS B 75 11.43 -31.83 -10.18
N LEU B 76 12.07 -30.75 -9.72
CA LEU B 76 11.48 -29.39 -9.78
C LEU B 76 11.28 -28.97 -11.22
N ARG B 77 10.16 -28.34 -11.51
CA ARG B 77 9.88 -27.66 -12.81
C ARG B 77 9.65 -26.15 -12.56
N ASN B 78 10.45 -25.28 -13.17
CA ASN B 78 10.30 -23.81 -13.05
C ASN B 78 9.75 -23.23 -14.37
N LEU B 79 8.64 -22.52 -14.30
CA LEU B 79 8.04 -21.85 -15.49
CA LEU B 79 8.04 -21.84 -15.48
C LEU B 79 8.13 -20.34 -15.27
N ILE B 80 8.25 -19.59 -16.37
CA ILE B 80 8.12 -18.11 -16.34
C ILE B 80 6.65 -17.78 -16.58
N SER B 81 6.04 -17.04 -15.66
CA SER B 81 4.67 -16.50 -15.85
C SER B 81 4.75 -15.16 -16.56
N VAL B 82 4.15 -15.08 -17.75
CA VAL B 82 4.07 -13.82 -18.55
C VAL B 82 2.73 -13.15 -18.30
N GLY B 83 2.79 -11.87 -17.94
CA GLY B 83 1.62 -10.98 -17.84
C GLY B 83 1.27 -10.69 -16.40
N GLY B 84 0.15 -11.24 -15.93
CA GLY B 84 -0.46 -10.88 -14.65
C GLY B 84 -1.36 -9.67 -14.78
N TRP B 85 -1.96 -9.23 -13.67
CA TRP B 85 -2.93 -8.11 -13.63
C TRP B 85 -2.33 -6.85 -14.25
N SER B 86 -1.14 -6.47 -13.80
CA SER B 86 -0.51 -5.17 -14.16
C SER B 86 0.01 -5.16 -15.61
N TRP B 87 0.45 -6.32 -16.15
CA TRP B 87 1.30 -6.37 -17.38
C TRP B 87 0.64 -7.19 -18.51
N SER B 88 -0.68 -7.10 -18.69
CA SER B 88 -1.43 -7.89 -19.72
C SER B 88 -1.73 -7.01 -20.94
N SER B 89 -1.34 -5.72 -20.89
CA SER B 89 -1.71 -4.72 -21.93
C SER B 89 -1.07 -5.05 -23.29
N GLY B 90 -0.01 -5.84 -23.33
CA GLY B 90 0.66 -6.22 -24.60
C GLY B 90 0.12 -7.49 -25.26
N PHE B 91 -0.78 -8.25 -24.63
CA PHE B 91 -1.19 -9.58 -25.17
C PHE B 91 -2.01 -9.41 -26.45
N SER B 92 -2.99 -8.52 -26.45
CA SER B 92 -3.98 -8.42 -27.56
C SER B 92 -3.22 -8.21 -28.88
N ASP B 93 -2.24 -7.29 -28.89
CA ASP B 93 -1.42 -6.97 -30.08
C ASP B 93 -0.49 -8.14 -30.46
N ALA B 94 0.18 -8.74 -29.46
CA ALA B 94 1.10 -9.90 -29.59
C ALA B 94 0.41 -11.11 -30.23
N ALA B 95 -0.93 -11.23 -30.11
CA ALA B 95 -1.72 -12.41 -30.54
C ALA B 95 -2.45 -12.13 -31.87
N ALA B 96 -2.39 -10.91 -32.38
CA ALA B 96 -3.33 -10.38 -33.42
C ALA B 96 -3.01 -10.83 -34.85
N THR B 97 -1.77 -11.22 -35.17
CA THR B 97 -1.33 -11.61 -36.54
C THR B 97 -0.39 -12.81 -36.45
N PRO B 98 -0.18 -13.58 -37.55
CA PRO B 98 0.83 -14.64 -37.53
C PRO B 98 2.25 -14.10 -37.23
N GLU B 99 2.57 -12.91 -37.73
CA GLU B 99 3.90 -12.29 -37.55
C GLU B 99 4.12 -11.98 -36.07
N ALA B 100 3.14 -11.34 -35.42
CA ALA B 100 3.23 -10.96 -33.98
C ALA B 100 3.33 -12.23 -33.13
N ARG B 101 2.53 -13.24 -33.45
CA ARG B 101 2.45 -14.52 -32.68
C ARG B 101 3.81 -15.20 -32.71
N LYS B 102 4.44 -15.25 -33.89
CA LYS B 102 5.77 -15.87 -34.07
C LYS B 102 6.82 -15.06 -33.27
N ARG B 103 6.80 -13.73 -33.43
CA ARG B 103 7.63 -12.76 -32.67
C ARG B 103 7.53 -13.06 -31.18
N PHE B 104 6.31 -13.15 -30.64
CA PHE B 104 6.09 -13.45 -29.21
C PHE B 104 6.64 -14.84 -28.84
N ALA B 105 6.28 -15.87 -29.60
CA ALA B 105 6.62 -17.29 -29.29
C ALA B 105 8.14 -17.46 -29.36
N ASP B 106 8.78 -16.92 -30.41
CA ASP B 106 10.26 -17.00 -30.54
C ASP B 106 10.92 -16.31 -29.33
N SER B 107 10.39 -15.16 -28.89
CA SER B 107 10.93 -14.43 -27.71
C SER B 107 10.75 -15.28 -26.45
N ALA B 108 9.65 -16.03 -26.34
CA ALA B 108 9.39 -16.91 -25.16
C ALA B 108 10.42 -18.03 -25.11
N VAL B 109 10.75 -18.59 -26.28
CA VAL B 109 11.75 -19.69 -26.36
C VAL B 109 13.12 -19.13 -25.95
N ALA B 110 13.51 -18.01 -26.54
CA ALA B 110 14.81 -17.34 -26.24
C ALA B 110 14.91 -17.12 -24.72
N PHE B 111 13.85 -16.59 -24.12
CA PHE B 111 13.80 -16.25 -22.67
C PHE B 111 14.09 -17.47 -21.81
N ILE B 112 13.38 -18.60 -22.05
CA ILE B 112 13.50 -19.82 -21.19
C ILE B 112 14.86 -20.48 -21.45
N ARG B 113 15.35 -20.44 -22.69
CA ARG B 113 16.73 -20.92 -23.00
C ARG B 113 17.76 -20.06 -22.26
N LYS B 114 17.56 -18.74 -22.24
CA LYS B 114 18.49 -17.74 -21.63
C LYS B 114 18.62 -18.00 -20.12
N TYR B 115 17.49 -18.17 -19.42
CA TYR B 115 17.40 -18.04 -17.95
C TYR B 115 17.20 -19.40 -17.27
N GLY B 116 17.07 -20.49 -18.03
CA GLY B 116 17.03 -21.88 -17.51
C GLY B 116 15.65 -22.24 -16.98
N PHE B 117 14.60 -21.82 -17.69
CA PHE B 117 13.19 -22.14 -17.35
C PHE B 117 12.76 -23.37 -18.15
N ASP B 118 11.76 -24.07 -17.61
CA ASP B 118 11.26 -25.37 -18.13
C ASP B 118 9.96 -25.16 -18.90
N GLY B 119 9.49 -23.92 -19.00
CA GLY B 119 8.36 -23.55 -19.88
C GLY B 119 7.75 -22.22 -19.52
N VAL B 120 6.50 -22.00 -19.96
CA VAL B 120 5.84 -20.67 -19.98
C VAL B 120 4.42 -20.82 -19.46
N ASP B 121 4.05 -19.98 -18.49
CA ASP B 121 2.67 -19.80 -17.97
C ASP B 121 2.09 -18.52 -18.53
N ILE B 122 1.01 -18.60 -19.34
CA ILE B 122 0.38 -17.38 -19.93
C ILE B 122 -0.67 -16.86 -18.95
N ASP B 123 -0.42 -15.65 -18.40
CA ASP B 123 -1.31 -15.02 -17.40
C ASP B 123 -1.89 -13.76 -18.03
N TRP B 124 -2.73 -13.98 -19.02
CA TRP B 124 -3.42 -12.90 -19.76
C TRP B 124 -4.75 -12.57 -19.05
N GLU B 125 -4.83 -11.40 -18.40
CA GLU B 125 -6.00 -10.95 -17.61
C GLU B 125 -6.61 -9.71 -18.25
N TYR B 126 -7.57 -9.87 -19.18
CA TYR B 126 -8.14 -11.12 -19.66
C TYR B 126 -8.56 -10.87 -21.11
N PRO B 127 -8.67 -11.91 -21.96
CA PRO B 127 -9.16 -11.71 -23.32
C PRO B 127 -10.56 -11.10 -23.41
N VAL B 128 -10.74 -10.18 -24.37
CA VAL B 128 -12.03 -9.56 -24.82
C VAL B 128 -12.45 -8.44 -23.87
N GLU B 129 -12.43 -8.68 -22.56
CA GLU B 129 -12.98 -7.74 -21.54
C GLU B 129 -12.40 -8.10 -20.18
N GLY B 130 -12.27 -7.11 -19.29
CA GLY B 130 -11.78 -7.30 -17.92
C GLY B 130 -10.29 -7.09 -17.83
N GLY B 131 -9.80 -6.62 -16.67
CA GLY B 131 -8.37 -6.33 -16.44
C GLY B 131 -8.15 -4.98 -15.78
N ALA B 132 -6.86 -4.64 -15.61
CA ALA B 132 -6.37 -3.37 -15.04
C ALA B 132 -6.85 -2.20 -15.89
N GLU B 133 -6.77 -0.97 -15.37
CA GLU B 133 -7.15 0.26 -16.11
C GLU B 133 -6.38 0.32 -17.44
N ASN B 134 -5.10 -0.10 -17.47
CA ASN B 134 -4.23 0.04 -18.68
C ASN B 134 -4.55 -1.04 -19.74
N MET B 135 -5.46 -1.99 -19.46
CA MET B 135 -5.60 -3.23 -20.27
C MET B 135 -6.12 -2.90 -21.68
N LYS B 136 -5.67 -3.66 -22.67
CA LYS B 136 -6.09 -3.51 -24.08
C LYS B 136 -6.81 -4.80 -24.50
N HIS B 137 -7.82 -4.67 -25.35
CA HIS B 137 -8.71 -5.77 -25.77
C HIS B 137 -9.09 -5.58 -27.23
N ARG B 138 -9.48 -6.68 -27.89
CA ARG B 138 -10.31 -6.63 -29.12
C ARG B 138 -11.21 -7.85 -29.11
N PRO B 139 -12.32 -7.85 -29.87
CA PRO B 139 -13.21 -9.01 -29.87
C PRO B 139 -12.48 -10.28 -30.34
N GLU B 140 -11.51 -10.12 -31.23
CA GLU B 140 -10.76 -11.23 -31.89
C GLU B 140 -9.81 -11.90 -30.87
N ASP B 141 -9.68 -11.34 -29.68
CA ASP B 141 -8.94 -12.01 -28.55
C ASP B 141 -9.50 -13.42 -28.37
N LYS B 142 -10.81 -13.61 -28.59
CA LYS B 142 -11.45 -14.93 -28.39
C LYS B 142 -10.69 -16.00 -29.19
N GLN B 143 -10.48 -15.74 -30.48
CA GLN B 143 -9.75 -16.65 -31.39
C GLN B 143 -8.24 -16.54 -31.18
N ASN B 144 -7.73 -15.34 -30.84
CA ASN B 144 -6.28 -15.04 -30.91
C ASN B 144 -5.59 -15.71 -29.71
N TYR B 145 -6.33 -15.90 -28.62
CA TYR B 145 -5.83 -16.64 -27.43
C TYR B 145 -5.51 -18.08 -27.88
N THR B 146 -6.40 -18.68 -28.66
CA THR B 146 -6.21 -20.03 -29.25
C THR B 146 -4.96 -20.02 -30.15
N LEU B 147 -4.90 -19.08 -31.09
CA LEU B 147 -3.82 -19.01 -32.10
C LEU B 147 -2.47 -18.75 -31.45
N LEU B 148 -2.43 -17.96 -30.40
CA LEU B 148 -1.17 -17.62 -29.69
C LEU B 148 -0.71 -18.88 -28.95
N THR B 149 -1.65 -19.52 -28.28
CA THR B 149 -1.42 -20.80 -27.56
C THR B 149 -0.84 -21.84 -28.53
N ARG B 150 -1.36 -21.89 -29.75
CA ARG B 150 -0.93 -22.85 -30.81
C ARG B 150 0.50 -22.51 -31.26
N SER B 151 0.81 -21.23 -31.45
CA SER B 151 2.15 -20.73 -31.85
CA SER B 151 2.15 -20.71 -31.84
C SER B 151 3.19 -21.09 -30.76
N LEU B 152 2.84 -20.85 -29.50
CA LEU B 152 3.74 -21.20 -28.35
C LEU B 152 3.97 -22.71 -28.31
N ARG B 153 2.91 -23.51 -28.39
CA ARG B 153 2.99 -24.99 -28.34
C ARG B 153 3.98 -25.47 -29.40
N GLU B 154 3.79 -25.05 -30.66
CA GLU B 154 4.65 -25.41 -31.81
C GLU B 154 6.11 -24.98 -31.57
N ALA B 155 6.33 -23.72 -31.17
CA ALA B 155 7.69 -23.18 -30.94
C ALA B 155 8.36 -23.99 -29.81
N LEU B 156 7.61 -24.31 -28.77
CA LEU B 156 8.15 -24.97 -27.55
C LEU B 156 8.41 -26.46 -27.82
N ASP B 157 7.63 -27.09 -28.71
CA ASP B 157 7.84 -28.50 -29.15
C ASP B 157 9.15 -28.55 -29.95
N THR B 158 9.30 -27.65 -30.91
CA THR B 158 10.46 -27.56 -31.83
C THR B 158 11.74 -27.31 -31.03
N ALA B 159 11.72 -26.35 -30.10
CA ALA B 159 12.89 -26.00 -29.28
C ALA B 159 13.22 -27.16 -28.33
N GLY B 160 12.21 -27.82 -27.77
CA GLY B 160 12.40 -28.99 -26.88
C GLY B 160 13.11 -30.14 -27.58
N LYS B 161 12.75 -30.42 -28.83
CA LYS B 161 13.39 -31.51 -29.61
C LYS B 161 14.85 -31.13 -29.91
N ALA B 162 15.12 -29.85 -30.16
CA ALA B 162 16.47 -29.33 -30.45
C ALA B 162 17.31 -29.35 -29.16
N ASP B 163 16.66 -29.23 -28.00
CA ASP B 163 17.37 -29.02 -26.71
C ASP B 163 17.42 -30.33 -25.91
N GLY B 164 16.75 -31.38 -26.38
CA GLY B 164 16.68 -32.68 -25.67
C GLY B 164 15.98 -32.54 -24.33
N LYS B 165 14.97 -31.67 -24.27
CA LYS B 165 14.17 -31.41 -23.04
C LYS B 165 12.71 -31.23 -23.44
N TYR B 166 11.78 -31.39 -22.49
CA TYR B 166 10.34 -31.04 -22.71
C TYR B 166 10.05 -29.69 -22.05
N TYR B 167 9.48 -28.78 -22.83
CA TYR B 167 9.02 -27.44 -22.36
C TYR B 167 7.51 -27.48 -22.19
N GLU B 168 7.04 -27.09 -21.00
CA GLU B 168 5.60 -27.03 -20.63
C GLU B 168 5.04 -25.66 -21.01
N LEU B 169 3.74 -25.63 -21.35
CA LEU B 169 2.94 -24.42 -21.59
C LEU B 169 1.65 -24.52 -20.77
N THR B 170 1.39 -23.54 -19.92
CA THR B 170 0.24 -23.50 -18.99
C THR B 170 -0.38 -22.11 -19.10
N THR B 171 -1.47 -21.87 -18.38
CA THR B 171 -2.16 -20.57 -18.33
C THR B 171 -2.86 -20.41 -16.98
N ALA B 172 -2.93 -19.17 -16.51
CA ALA B 172 -3.78 -18.72 -15.38
C ALA B 172 -5.08 -18.22 -16.02
N VAL B 173 -6.21 -18.79 -15.62
CA VAL B 173 -7.54 -18.41 -16.19
C VAL B 173 -8.42 -17.80 -15.09
N TRP B 174 -9.35 -16.94 -15.47
CA TRP B 174 -10.23 -16.17 -14.53
C TRP B 174 -11.21 -17.11 -13.81
N GLY B 175 -11.44 -16.86 -12.52
CA GLY B 175 -12.51 -17.51 -11.73
C GLY B 175 -13.89 -17.14 -12.23
N ASN B 176 -14.01 -16.02 -12.93
CA ASN B 176 -15.27 -15.49 -13.52
C ASN B 176 -15.48 -16.19 -14.86
N ASP B 177 -16.65 -16.82 -15.04
CA ASP B 177 -16.97 -17.67 -16.22
C ASP B 177 -17.14 -16.82 -17.50
N LYS B 178 -17.03 -15.48 -17.39
CA LYS B 178 -16.87 -14.57 -18.56
C LYS B 178 -15.66 -15.01 -19.39
N PHE B 179 -14.61 -15.48 -18.75
CA PHE B 179 -13.37 -15.95 -19.42
C PHE B 179 -13.75 -17.00 -20.47
N ILE B 180 -14.58 -17.98 -20.08
CA ILE B 180 -15.06 -19.11 -20.94
C ILE B 180 -15.88 -18.57 -22.13
N ALA B 181 -16.77 -17.59 -21.92
CA ALA B 181 -17.57 -16.99 -23.02
C ALA B 181 -16.64 -16.33 -24.04
N ASN B 182 -15.45 -15.91 -23.59
CA ASN B 182 -14.51 -15.02 -24.32
C ASN B 182 -13.27 -15.79 -24.80
N THR B 183 -13.27 -17.12 -24.71
CA THR B 183 -12.16 -18.00 -25.16
C THR B 183 -12.73 -19.30 -25.72
N GLU B 184 -11.85 -20.17 -26.23
CA GLU B 184 -12.17 -21.51 -26.76
C GLU B 184 -11.40 -22.55 -25.93
N MET B 185 -11.81 -22.72 -24.68
CA MET B 185 -11.11 -23.60 -23.70
C MET B 185 -11.07 -25.04 -24.23
N ASP B 186 -12.04 -25.46 -25.06
CA ASP B 186 -12.04 -26.84 -25.63
C ASP B 186 -10.82 -26.99 -26.55
N LYS B 187 -10.50 -25.94 -27.32
CA LYS B 187 -9.37 -25.95 -28.27
C LYS B 187 -8.04 -25.87 -27.52
N VAL B 188 -7.85 -24.83 -26.70
CA VAL B 188 -6.53 -24.53 -26.06
C VAL B 188 -6.18 -25.63 -25.05
N SER B 189 -7.15 -26.28 -24.42
CA SER B 189 -6.88 -27.33 -23.40
CA SER B 189 -6.90 -27.34 -23.40
C SER B 189 -6.07 -28.47 -24.02
N ARG B 190 -6.14 -28.66 -25.33
CA ARG B 190 -5.35 -29.71 -26.03
C ARG B 190 -3.86 -29.34 -26.04
N ASP B 191 -3.52 -28.05 -26.11
CA ASP B 191 -2.11 -27.57 -26.23
C ASP B 191 -1.52 -27.39 -24.83
N PHE B 192 -2.31 -26.81 -23.92
CA PHE B 192 -1.85 -26.54 -22.53
C PHE B 192 -1.57 -27.88 -21.84
N ASP B 193 -0.43 -27.98 -21.18
CA ASP B 193 -0.08 -29.15 -20.33
C ASP B 193 -1.06 -29.22 -19.15
N PHE B 194 -1.42 -28.07 -18.59
CA PHE B 194 -2.46 -27.96 -17.54
C PHE B 194 -2.93 -26.51 -17.46
N ILE B 195 -4.06 -26.32 -16.79
CA ILE B 195 -4.75 -25.00 -16.67
C ILE B 195 -4.87 -24.65 -15.18
N ASN B 196 -4.24 -23.55 -14.79
CA ASN B 196 -4.26 -22.98 -13.41
C ASN B 196 -5.52 -22.12 -13.25
N VAL B 197 -6.58 -22.68 -12.66
CA VAL B 197 -7.85 -21.93 -12.47
C VAL B 197 -7.67 -21.03 -11.25
N MET B 198 -7.83 -19.71 -11.43
CA MET B 198 -7.74 -18.69 -10.34
C MET B 198 -9.07 -18.61 -9.59
N SER B 199 -9.40 -19.73 -8.94
CA SER B 199 -10.61 -19.94 -8.09
C SER B 199 -10.48 -19.18 -6.76
N TYR B 200 -10.30 -17.86 -6.86
CA TYR B 200 -10.16 -16.87 -5.77
C TYR B 200 -10.44 -15.49 -6.38
N ASP B 201 -10.29 -14.41 -5.60
CA ASP B 201 -10.63 -13.00 -5.99
C ASP B 201 -12.09 -12.94 -6.44
N PHE B 202 -12.92 -13.76 -5.82
CA PHE B 202 -14.39 -13.81 -6.01
C PHE B 202 -15.01 -12.59 -5.33
N ASN B 203 -14.49 -12.21 -4.16
CA ASN B 203 -14.93 -11.00 -3.41
C ASN B 203 -13.71 -10.29 -2.83
N GLY B 204 -13.85 -8.98 -2.60
CA GLY B 204 -12.76 -8.08 -2.17
C GLY B 204 -13.22 -6.65 -2.01
N THR B 205 -12.29 -5.74 -1.72
CA THR B 205 -12.60 -4.37 -1.23
C THR B 205 -13.07 -3.50 -2.42
N TRP B 206 -13.02 -4.04 -3.64
CA TRP B 206 -13.77 -3.45 -4.80
C TRP B 206 -15.28 -3.44 -4.49
N ASN B 207 -15.75 -4.30 -3.58
CA ASN B 207 -17.12 -4.26 -3.02
C ASN B 207 -17.13 -3.44 -1.72
N LYS B 208 -18.16 -2.64 -1.50
CA LYS B 208 -18.32 -1.81 -0.27
C LYS B 208 -18.71 -2.72 0.91
N PHE B 209 -19.21 -3.93 0.63
CA PHE B 209 -19.65 -4.92 1.63
C PHE B 209 -18.69 -6.11 1.63
N SER B 210 -18.68 -6.84 2.75
CA SER B 210 -17.78 -7.99 2.98
C SER B 210 -18.31 -9.24 2.26
N GLY B 211 -17.43 -10.21 2.06
CA GLY B 211 -17.73 -11.50 1.43
C GLY B 211 -16.49 -12.37 1.43
N HIS B 212 -16.60 -13.55 0.84
CA HIS B 212 -15.52 -14.56 0.88
C HIS B 212 -14.69 -14.48 -0.40
N ASN B 213 -13.38 -14.49 -0.22
CA ASN B 213 -12.42 -14.44 -1.36
C ASN B 213 -12.52 -15.74 -2.16
N ALA B 214 -12.72 -16.89 -1.51
CA ALA B 214 -12.74 -18.21 -2.18
C ALA B 214 -13.77 -19.14 -1.54
N PRO B 215 -15.07 -18.79 -1.57
CA PRO B 215 -16.08 -19.70 -1.01
C PRO B 215 -16.09 -21.00 -1.83
N PHE B 216 -16.23 -22.15 -1.15
CA PHE B 216 -16.19 -23.49 -1.79
C PHE B 216 -17.40 -23.64 -2.71
N VAL B 217 -18.59 -23.38 -2.16
CA VAL B 217 -19.87 -23.46 -2.93
C VAL B 217 -20.65 -22.17 -2.70
N ASN B 218 -21.60 -21.90 -3.61
CA ASN B 218 -22.54 -20.77 -3.46
C ASN B 218 -23.28 -20.83 -2.11
N ASP B 219 -23.40 -19.66 -1.48
CA ASP B 219 -24.26 -19.40 -0.30
C ASP B 219 -25.36 -18.43 -0.70
N PRO B 220 -26.60 -18.92 -0.97
CA PRO B 220 -27.75 -18.06 -1.27
C PRO B 220 -28.03 -16.90 -0.31
N ALA B 221 -27.56 -16.95 0.94
CA ALA B 221 -27.63 -15.86 1.93
C ALA B 221 -26.90 -14.61 1.41
N TYR B 222 -25.88 -14.81 0.57
CA TYR B 222 -25.12 -13.73 -0.12
C TYR B 222 -25.81 -13.41 -1.45
N ASP B 223 -26.53 -12.30 -1.48
CA ASP B 223 -27.29 -11.83 -2.68
C ASP B 223 -27.04 -10.34 -2.85
N LYS B 224 -26.16 -9.96 -3.80
CA LYS B 224 -25.77 -8.55 -4.06
C LYS B 224 -25.74 -8.29 -5.56
N PRO B 225 -25.96 -7.04 -6.01
CA PRO B 225 -26.04 -6.76 -7.45
C PRO B 225 -24.69 -7.05 -8.11
N GLY B 226 -24.71 -7.88 -9.16
CA GLY B 226 -23.53 -8.15 -10.00
C GLY B 226 -22.64 -9.24 -9.43
N ILE B 227 -22.85 -9.63 -8.17
CA ILE B 227 -22.12 -10.77 -7.55
C ILE B 227 -22.89 -12.04 -7.91
N GLY B 228 -22.47 -12.72 -8.98
CA GLY B 228 -23.17 -13.88 -9.56
C GLY B 228 -23.13 -15.10 -8.65
N LYS B 229 -24.05 -16.04 -8.89
CA LYS B 229 -24.21 -17.28 -8.06
C LYS B 229 -23.06 -18.26 -8.32
N THR B 230 -22.23 -18.01 -9.35
CA THR B 230 -21.12 -18.87 -9.82
C THR B 230 -19.79 -18.32 -9.31
N PHE B 231 -19.82 -17.34 -8.40
CA PHE B 231 -18.59 -16.73 -7.80
C PHE B 231 -18.11 -17.60 -6.64
N ASN B 232 -17.70 -18.83 -6.95
CA ASN B 232 -17.25 -19.83 -5.95
C ASN B 232 -16.44 -20.94 -6.66
N VAL B 233 -15.64 -21.69 -5.91
CA VAL B 233 -14.65 -22.69 -6.43
C VAL B 233 -15.37 -23.76 -7.26
N VAL B 234 -16.43 -24.37 -6.73
CA VAL B 234 -17.11 -25.53 -7.37
C VAL B 234 -17.76 -25.07 -8.69
N SER B 235 -18.42 -23.91 -8.71
CA SER B 235 -19.06 -23.37 -9.95
C SER B 235 -17.99 -23.09 -11.01
N ALA B 236 -16.87 -22.47 -10.63
CA ALA B 236 -15.73 -22.22 -11.53
C ALA B 236 -15.23 -23.54 -12.13
N VAL B 237 -14.85 -24.50 -11.29
CA VAL B 237 -14.40 -25.84 -11.72
C VAL B 237 -15.43 -26.47 -12.67
N GLU B 238 -16.70 -26.51 -12.28
CA GLU B 238 -17.78 -27.13 -13.09
C GLU B 238 -17.88 -26.39 -14.43
N ALA B 239 -17.71 -25.07 -14.44
CA ALA B 239 -17.83 -24.25 -15.67
C ALA B 239 -16.70 -24.62 -16.64
N TYR B 240 -15.47 -24.81 -16.14
CA TYR B 240 -14.29 -25.13 -16.98
C TYR B 240 -14.40 -26.58 -17.48
N LEU B 241 -14.92 -27.49 -16.66
CA LEU B 241 -15.15 -28.89 -17.09
C LEU B 241 -16.13 -28.90 -18.25
N LYS B 242 -17.22 -28.13 -18.13
CA LYS B 242 -18.30 -28.06 -19.13
C LYS B 242 -17.75 -27.48 -20.44
N ALA B 243 -16.79 -26.56 -20.34
CA ALA B 243 -16.21 -25.83 -21.50
C ALA B 243 -15.19 -26.71 -22.23
N GLY B 244 -14.72 -27.78 -21.59
CA GLY B 244 -13.93 -28.83 -22.26
C GLY B 244 -12.52 -28.98 -21.72
N VAL B 245 -12.23 -28.41 -20.55
CA VAL B 245 -10.95 -28.67 -19.82
C VAL B 245 -11.05 -30.06 -19.21
N PRO B 246 -10.15 -31.01 -19.54
CA PRO B 246 -10.21 -32.35 -18.95
C PRO B 246 -9.90 -32.18 -17.46
N ALA B 247 -10.64 -32.92 -16.64
CA ALA B 247 -10.52 -32.89 -15.16
C ALA B 247 -9.03 -32.98 -14.77
N ASP B 248 -8.28 -33.90 -15.37
CA ASP B 248 -6.88 -34.20 -14.96
C ASP B 248 -5.94 -33.03 -15.30
N LYS B 249 -6.34 -32.09 -16.16
CA LYS B 249 -5.53 -30.87 -16.49
C LYS B 249 -6.00 -29.65 -15.68
N LEU B 250 -7.08 -29.76 -14.91
CA LEU B 250 -7.69 -28.63 -14.17
C LEU B 250 -7.03 -28.54 -12.79
N VAL B 251 -6.19 -27.52 -12.60
CA VAL B 251 -5.47 -27.28 -11.31
C VAL B 251 -6.22 -26.17 -10.56
N VAL B 252 -6.55 -26.42 -9.30
CA VAL B 252 -7.48 -25.58 -8.49
C VAL B 252 -6.64 -24.53 -7.73
N GLY B 253 -6.78 -23.25 -8.09
CA GLY B 253 -6.18 -22.09 -7.40
C GLY B 253 -6.66 -21.95 -5.96
N VAL B 254 -5.72 -21.74 -5.02
CA VAL B 254 -5.94 -21.41 -3.58
C VAL B 254 -5.23 -20.10 -3.24
N PRO B 255 -5.85 -19.14 -2.49
CA PRO B 255 -5.14 -17.96 -2.00
C PRO B 255 -4.42 -18.23 -0.66
N LEU B 256 -3.15 -17.82 -0.54
CA LEU B 256 -2.36 -17.86 0.74
C LEU B 256 -2.38 -16.45 1.38
N TYR B 257 -3.10 -15.52 0.77
CA TYR B 257 -3.41 -14.17 1.32
C TYR B 257 -4.91 -14.08 1.67
N GLY B 258 -5.26 -13.01 2.38
CA GLY B 258 -6.64 -12.66 2.71
C GLY B 258 -6.92 -11.21 2.36
N TYR B 259 -8.21 -10.84 2.28
CA TYR B 259 -8.67 -9.44 2.12
C TYR B 259 -9.39 -8.98 3.38
N SER B 260 -9.28 -7.69 3.68
CA SER B 260 -9.88 -7.08 4.89
C SER B 260 -10.64 -5.79 4.55
N TRP B 261 -11.80 -5.64 5.19
CA TRP B 261 -12.54 -4.36 5.30
C TRP B 261 -12.39 -3.82 6.71
N LYS B 262 -12.63 -2.53 6.94
CA LYS B 262 -12.86 -1.98 8.30
C LYS B 262 -14.31 -1.48 8.43
N GLY B 263 -14.80 -1.41 9.66
CA GLY B 263 -16.09 -0.78 9.99
C GLY B 263 -17.27 -1.46 9.32
N CYS B 264 -17.22 -2.79 9.16
CA CYS B 264 -18.40 -3.63 8.82
C CYS B 264 -19.40 -3.68 9.98
N ALA B 265 -20.64 -3.28 9.72
CA ALA B 265 -21.80 -3.51 10.63
C ALA B 265 -21.86 -4.98 11.02
N ALA B 266 -22.08 -5.29 12.30
CA ALA B 266 -22.22 -6.68 12.80
C ALA B 266 -23.43 -7.33 12.13
N GLY B 267 -24.55 -6.61 12.07
CA GLY B 267 -25.85 -7.18 11.73
C GLY B 267 -26.08 -8.49 12.47
N GLU B 268 -26.60 -9.51 11.79
CA GLU B 268 -26.96 -10.81 12.40
C GLU B 268 -25.89 -11.87 12.12
N ARG B 269 -24.76 -11.49 11.52
CA ARG B 269 -23.80 -12.44 10.88
C ARG B 269 -22.34 -12.12 11.24
N ASN B 270 -22.10 -11.42 12.36
CA ASN B 270 -20.73 -11.04 12.82
C ASN B 270 -19.97 -10.40 11.64
N GLY B 271 -20.63 -9.52 10.88
CA GLY B 271 -20.01 -8.68 9.84
C GLY B 271 -20.11 -9.25 8.43
N GLU B 272 -20.52 -10.52 8.29
CA GLU B 272 -20.50 -11.26 7.00
C GLU B 272 -21.60 -10.73 6.06
N TYR B 273 -21.20 -10.34 4.85
CA TYR B 273 -22.08 -9.81 3.76
C TYR B 273 -22.65 -8.44 4.13
N GLN B 274 -22.07 -7.80 5.15
CA GLN B 274 -22.55 -6.51 5.72
C GLN B 274 -21.83 -5.31 5.08
N ASP B 275 -22.45 -4.13 5.16
CA ASP B 275 -21.89 -2.88 4.61
C ASP B 275 -20.70 -2.45 5.47
N CYS B 276 -19.60 -2.08 4.84
CA CYS B 276 -18.32 -1.71 5.52
C CYS B 276 -17.85 -0.30 5.12
N ASN B 277 -16.76 0.14 5.74
CA ASN B 277 -16.19 1.50 5.59
C ASN B 277 -14.78 1.44 4.99
N GLY B 278 -14.57 0.58 3.99
CA GLY B 278 -13.33 0.55 3.18
C GLY B 278 -12.33 -0.50 3.66
N LYS B 279 -11.07 -0.37 3.25
CA LYS B 279 -10.07 -1.45 3.47
C LYS B 279 -9.75 -1.49 4.95
N GLY B 280 -9.46 -2.69 5.46
CA GLY B 280 -8.95 -2.92 6.82
C GLY B 280 -7.43 -3.08 6.87
N ARG B 281 -6.88 -3.51 8.02
CA ARG B 281 -5.42 -3.65 8.16
C ARG B 281 -4.88 -4.66 7.14
N GLY B 282 -3.64 -4.41 6.68
CA GLY B 282 -2.95 -5.27 5.73
C GLY B 282 -1.50 -5.49 6.13
N THR B 283 -0.80 -6.33 5.38
CA THR B 283 0.63 -6.64 5.60
C THR B 283 1.49 -5.63 4.82
N TRP B 284 1.48 -5.69 3.48
CA TRP B 284 2.40 -4.87 2.64
C TRP B 284 1.68 -3.65 2.06
N GLU B 285 0.34 -3.64 2.17
CA GLU B 285 -0.58 -2.54 1.78
C GLU B 285 -1.89 -2.75 2.54
N ASP B 286 -2.70 -1.69 2.72
CA ASP B 286 -4.02 -1.80 3.40
C ASP B 286 -4.87 -2.86 2.68
N GLY B 287 -5.74 -3.57 3.41
CA GLY B 287 -6.80 -4.44 2.85
C GLY B 287 -6.30 -5.75 2.27
N ASN B 288 -5.00 -6.06 2.37
CA ASN B 288 -4.42 -7.34 1.88
C ASN B 288 -3.45 -7.88 2.94
N LEU B 289 -3.73 -9.08 3.47
CA LEU B 289 -2.95 -9.72 4.55
C LEU B 289 -2.28 -10.99 4.00
N ASP B 290 -1.00 -11.19 4.31
CA ASP B 290 -0.34 -12.53 4.24
C ASP B 290 -0.99 -13.46 5.27
N PHE B 291 -1.18 -14.73 4.94
CA PHE B 291 -1.64 -15.74 5.91
C PHE B 291 -0.70 -15.69 7.13
N THR B 292 0.60 -15.47 6.90
CA THR B 292 1.61 -15.42 8.01
C THR B 292 1.14 -14.41 9.07
N ASP B 293 0.57 -13.30 8.60
CA ASP B 293 0.17 -12.14 9.43
C ASP B 293 -1.11 -12.51 10.18
N ILE B 294 -2.12 -12.97 9.45
CA ILE B 294 -3.41 -13.47 10.02
C ILE B 294 -3.11 -14.47 11.16
N GLU B 295 -2.21 -15.43 10.91
CA GLU B 295 -1.91 -16.55 11.85
C GLU B 295 -1.21 -16.01 13.09
N LYS B 296 -0.19 -15.17 12.89
CA LYS B 296 0.61 -14.58 14.00
C LYS B 296 -0.26 -13.62 14.82
N ASN B 297 -1.07 -12.78 14.17
CA ASN B 297 -1.58 -11.53 14.79
C ASN B 297 -3.09 -11.59 15.05
N LEU B 298 -3.87 -12.27 14.19
CA LEU B 298 -5.33 -12.05 14.12
C LEU B 298 -6.16 -13.29 14.42
N LEU B 299 -5.60 -14.49 14.34
CA LEU B 299 -6.42 -15.72 14.39
C LEU B 299 -6.88 -15.93 15.84
N ASN B 300 -8.07 -15.42 16.19
CA ASN B 300 -8.57 -15.31 17.58
C ASN B 300 -7.58 -14.49 18.41
N LYS B 301 -7.11 -13.38 17.83
CA LYS B 301 -6.11 -12.46 18.44
C LYS B 301 -6.45 -11.02 18.08
N LYS B 302 -5.97 -10.08 18.88
CA LYS B 302 -6.10 -8.61 18.69
C LYS B 302 -7.57 -8.23 18.41
N GLY B 303 -8.52 -8.81 19.16
CA GLY B 303 -9.96 -8.48 19.09
C GLY B 303 -10.67 -9.12 17.92
N PHE B 304 -10.01 -10.01 17.17
CA PHE B 304 -10.62 -10.75 16.03
C PHE B 304 -11.01 -12.15 16.51
N LYS B 305 -12.23 -12.58 16.17
CA LYS B 305 -12.74 -13.93 16.50
C LYS B 305 -12.99 -14.69 15.21
N ARG B 306 -12.65 -15.99 15.17
CA ARG B 306 -12.89 -16.86 13.99
C ARG B 306 -14.33 -17.36 13.95
N TYR B 307 -14.99 -17.23 12.79
CA TYR B 307 -16.31 -17.86 12.52
C TYR B 307 -16.19 -18.78 11.31
N TRP B 308 -17.09 -19.78 11.24
CA TRP B 308 -17.17 -20.79 10.16
C TRP B 308 -18.54 -20.68 9.51
N ASN B 309 -18.58 -20.33 8.21
CA ASN B 309 -19.82 -20.46 7.41
C ASN B 309 -19.88 -21.88 6.83
N ASP B 310 -20.80 -22.73 7.32
CA ASP B 310 -20.86 -24.18 6.97
C ASP B 310 -21.70 -24.43 5.71
N THR B 311 -22.21 -23.37 5.06
CA THR B 311 -22.83 -23.44 3.71
C THR B 311 -21.76 -23.17 2.62
N ALA B 312 -21.06 -22.02 2.68
CA ALA B 312 -19.94 -21.66 1.77
C ALA B 312 -18.72 -22.54 2.04
N LYS B 313 -18.57 -23.07 3.26
CA LYS B 313 -17.37 -23.81 3.71
C LYS B 313 -16.18 -22.85 3.64
N ALA B 314 -16.33 -21.72 4.34
CA ALA B 314 -15.34 -20.62 4.40
C ALA B 314 -15.27 -20.07 5.83
N ALA B 315 -14.06 -19.84 6.33
CA ALA B 315 -13.82 -19.18 7.63
C ALA B 315 -13.60 -17.69 7.40
N TYR B 316 -13.95 -16.88 8.40
CA TYR B 316 -13.69 -15.43 8.43
C TYR B 316 -13.37 -14.97 9.84
N LEU B 317 -12.73 -13.80 9.95
CA LEU B 317 -12.47 -13.13 11.25
C LEU B 317 -13.30 -11.85 11.31
N TYR B 318 -13.90 -11.59 12.47
CA TYR B 318 -14.59 -10.32 12.78
C TYR B 318 -14.06 -9.78 14.10
N ASN B 319 -13.71 -8.49 14.08
CA ASN B 319 -13.34 -7.68 15.26
C ASN B 319 -14.55 -6.83 15.62
N ALA B 320 -15.23 -7.15 16.72
CA ALA B 320 -16.48 -6.47 17.16
C ALA B 320 -16.22 -4.98 17.38
N GLU B 321 -15.05 -4.63 17.92
CA GLU B 321 -14.67 -3.24 18.29
C GLU B 321 -14.56 -2.36 17.04
N THR B 322 -13.77 -2.79 16.05
CA THR B 322 -13.40 -1.96 14.86
C THR B 322 -14.36 -2.25 13.69
N GLY B 323 -15.09 -3.37 13.75
CA GLY B 323 -15.86 -3.88 12.59
C GLY B 323 -14.97 -4.40 11.48
N GLU B 324 -13.69 -4.69 11.73
CA GLU B 324 -12.81 -5.29 10.68
C GLU B 324 -13.23 -6.74 10.42
N PHE B 325 -13.50 -7.04 9.14
CA PHE B 325 -13.78 -8.38 8.59
C PHE B 325 -12.61 -8.82 7.71
N VAL B 326 -12.07 -10.02 7.97
CA VAL B 326 -10.98 -10.68 7.18
C VAL B 326 -11.55 -11.95 6.51
N THR B 327 -11.54 -12.02 5.18
CA THR B 327 -11.70 -13.29 4.43
C THR B 327 -10.30 -13.87 4.14
N TYR B 328 -10.11 -15.15 4.43
CA TYR B 328 -8.80 -15.86 4.34
C TYR B 328 -9.05 -17.35 4.13
N GLU B 329 -7.98 -18.08 3.78
CA GLU B 329 -8.04 -19.55 3.59
C GLU B 329 -7.69 -20.27 4.90
N ASP B 330 -8.72 -20.77 5.58
CA ASP B 330 -8.55 -21.58 6.81
C ASP B 330 -8.24 -23.03 6.41
N PRO B 331 -7.41 -23.79 7.16
CA PRO B 331 -7.21 -25.21 6.89
C PRO B 331 -8.47 -26.07 6.79
N GLN B 332 -9.55 -25.68 7.47
CA GLN B 332 -10.83 -26.43 7.42
C GLN B 332 -11.40 -26.36 5.99
N ALA B 333 -11.28 -25.20 5.35
CA ALA B 333 -11.75 -24.98 3.97
C ALA B 333 -10.81 -25.71 2.99
N LEU B 334 -9.50 -25.52 3.19
CA LEU B 334 -8.45 -26.10 2.32
C LEU B 334 -8.51 -27.64 2.34
N LYS B 335 -8.80 -28.27 3.48
CA LYS B 335 -8.92 -29.75 3.54
C LYS B 335 -10.09 -30.20 2.64
N ILE B 336 -11.20 -29.46 2.68
CA ILE B 336 -12.41 -29.77 1.86
C ILE B 336 -12.04 -29.68 0.38
N LYS B 337 -11.26 -28.67 0.00
CA LYS B 337 -10.92 -28.43 -1.42
C LYS B 337 -9.96 -29.51 -1.90
N LEU B 338 -9.02 -29.93 -1.04
CA LEU B 338 -8.02 -30.96 -1.37
C LEU B 338 -8.75 -32.29 -1.53
N ASP B 339 -9.71 -32.58 -0.64
CA ASP B 339 -10.56 -33.80 -0.70
C ASP B 339 -11.33 -33.78 -2.03
N TYR B 340 -11.83 -32.62 -2.44
CA TYR B 340 -12.57 -32.44 -3.73
C TYR B 340 -11.65 -32.65 -4.94
N ILE B 341 -10.43 -32.10 -4.92
CA ILE B 341 -9.43 -32.30 -6.02
C ILE B 341 -9.31 -33.81 -6.28
N LYS B 342 -9.14 -34.61 -5.23
CA LYS B 342 -8.98 -36.09 -5.36
C LYS B 342 -10.27 -36.76 -5.83
N SER B 343 -11.42 -36.46 -5.21
CA SER B 343 -12.70 -37.15 -5.46
C SER B 343 -13.19 -36.81 -6.87
N LYS B 344 -12.83 -35.64 -7.39
CA LYS B 344 -13.32 -35.16 -8.71
C LYS B 344 -12.29 -35.47 -9.81
N GLY B 345 -11.08 -35.91 -9.44
CA GLY B 345 -10.02 -36.29 -10.38
C GLY B 345 -9.41 -35.09 -11.08
N LEU B 346 -9.22 -34.00 -10.33
CA LEU B 346 -8.66 -32.74 -10.87
C LEU B 346 -7.12 -32.83 -10.90
N GLY B 347 -6.46 -31.82 -11.46
CA GLY B 347 -5.03 -31.87 -11.82
C GLY B 347 -4.12 -31.61 -10.63
N GLY B 348 -4.71 -31.14 -9.53
CA GLY B 348 -3.99 -30.75 -8.30
C GLY B 348 -4.35 -29.36 -7.83
N ALA B 349 -3.42 -28.67 -7.19
CA ALA B 349 -3.65 -27.36 -6.57
C ALA B 349 -2.60 -26.37 -7.07
N MET B 350 -3.02 -25.12 -7.23
CA MET B 350 -2.15 -23.97 -7.54
C MET B 350 -2.33 -22.97 -6.39
N TYR B 351 -1.30 -22.23 -6.00
CA TYR B 351 -1.51 -21.14 -5.01
C TYR B 351 -0.71 -19.88 -5.34
N TRP B 352 -1.35 -18.78 -4.96
CA TRP B 352 -0.82 -17.38 -4.94
C TRP B 352 -0.78 -16.89 -3.49
N GLU B 353 0.43 -16.64 -2.92
CA GLU B 353 1.72 -16.99 -3.49
C GLU B 353 2.61 -17.47 -2.34
N ILE B 354 3.71 -18.17 -2.64
CA ILE B 354 4.45 -19.00 -1.63
C ILE B 354 5.05 -18.14 -0.50
N THR B 355 5.30 -16.84 -0.72
CA THR B 355 5.96 -15.97 0.29
C THR B 355 4.96 -15.60 1.41
N ALA B 356 3.66 -15.79 1.20
CA ALA B 356 2.57 -15.31 2.06
C ALA B 356 2.26 -16.27 3.23
N ASP B 357 2.96 -17.41 3.34
CA ASP B 357 2.71 -18.44 4.38
C ASP B 357 4.05 -18.95 4.92
N ARG B 358 4.72 -18.14 5.75
CA ARG B 358 6.12 -18.41 6.19
C ARG B 358 6.19 -19.68 7.05
N LYS B 359 5.14 -20.01 7.81
CA LYS B 359 5.16 -21.23 8.67
C LYS B 359 4.76 -22.46 7.83
N GLN B 360 4.31 -22.25 6.58
CA GLN B 360 3.95 -23.33 5.62
C GLN B 360 2.77 -24.13 6.18
N THR B 361 1.83 -23.47 6.86
CA THR B 361 0.64 -24.11 7.45
C THR B 361 -0.26 -24.62 6.32
N LEU B 362 -0.46 -23.76 5.33
CA LEU B 362 -1.26 -24.10 4.13
C LEU B 362 -0.38 -24.90 3.16
N VAL B 363 0.81 -24.39 2.86
CA VAL B 363 1.79 -25.04 1.97
C VAL B 363 1.96 -26.52 2.35
N ASN B 364 2.17 -26.83 3.63
CA ASN B 364 2.45 -28.22 4.08
C ASN B 364 1.20 -29.07 3.94
N LEU B 365 0.03 -28.54 4.29
CA LEU B 365 -1.25 -29.30 4.17
C LEU B 365 -1.45 -29.73 2.71
N ILE B 366 -1.23 -28.82 1.76
CA ILE B 366 -1.44 -29.12 0.31
C ILE B 366 -0.53 -30.27 -0.10
N ALA B 367 0.75 -30.20 0.29
CA ALA B 367 1.79 -31.19 -0.10
C ALA B 367 1.50 -32.55 0.56
N ASP B 368 1.08 -32.55 1.83
CA ASP B 368 0.80 -33.81 2.56
C ASP B 368 -0.42 -34.52 1.97
N GLU B 369 -1.36 -33.77 1.38
CA GLU B 369 -2.62 -34.35 0.84
C GLU B 369 -2.43 -34.80 -0.63
N LEU B 370 -1.59 -34.11 -1.43
CA LEU B 370 -1.56 -34.33 -2.90
C LEU B 370 -0.27 -35.05 -3.34
N LEU B 371 0.81 -34.96 -2.57
CA LEU B 371 2.14 -35.52 -2.95
C LEU B 371 2.44 -36.73 -2.05
N THR B 372 2.64 -37.89 -2.66
CA THR B 372 2.89 -39.18 -1.94
C THR B 372 4.40 -39.46 -1.92
#